data_6Y7T
#
_entry.id   6Y7T
#
_cell.length_a   145.151
_cell.length_b   63.119
_cell.length_c   167.021
_cell.angle_alpha   90.00
_cell.angle_beta   101.29
_cell.angle_gamma   90.00
#
_symmetry.space_group_name_H-M   'I 1 2 1'
#
loop_
_entity.id
_entity.type
_entity.pdbx_description
1 polymer '14-3-3 protein sigma'
2 polymer 'Exoenzyme S'
3 non-polymer 'SODIUM ION'
4 non-polymer GLYCEROL
5 non-polymer 'ExoSTWZ molecular tweezer'
6 water water
#
loop_
_entity_poly.entity_id
_entity_poly.type
_entity_poly.pdbx_seq_one_letter_code
_entity_poly.pdbx_strand_id
1 'polypeptide(L)'
;GAMGSMERASLIQKAKLAEQAERYEDMAAFMKGAVEKGEELS(CSO)EERNLLSVAYKNVVGGQRAAWRVLSSIEQKSNE
EGSEEKGPEVREYREKVETELQGVCDTVLGLLDSHLIKEAGDAESRVFYLKMKGDYYRYLAEVATGDDKKRIIDSARSAY
QEAMDISKKEMPPTNPIRLGLALNFSVFHYEIANSPEEAISLAKTTFDEAMADLHTLSEDSYKDSTLIMQLLRDNLTLWT
ADNAGEEGGEAPQEPQS
;
A,F,K,P
2 'polypeptide(L)' QGLLDALDLAS D,E
#
loop_
_chem_comp.id
_chem_comp.type
_chem_comp.name
_chem_comp.formula
GOL non-polymer GLYCEROL 'C3 H8 O3'
NA non-polymer 'SODIUM ION' 'Na 1'
TWZ non-polymer 'ExoSTWZ molecular tweezer' 'C48 H39 N3 O10 P2'
#
# COMPACT_ATOMS: atom_id res chain seq x y z
N GLY A 1 35.90 -12.95 14.10
CA GLY A 1 35.91 -11.46 14.18
C GLY A 1 35.82 -11.00 15.62
N ALA A 2 35.29 -9.79 15.81
CA ALA A 2 35.13 -9.09 17.11
C ALA A 2 34.17 -9.84 18.05
N MET A 3 33.37 -10.80 17.59
CA MET A 3 32.33 -11.46 18.43
C MET A 3 32.77 -12.91 18.76
N GLY A 4 33.98 -13.28 18.36
CA GLY A 4 34.52 -14.65 18.55
C GLY A 4 34.60 -15.09 20.01
N SER A 5 34.83 -14.20 20.97
CA SER A 5 35.06 -14.61 22.38
C SER A 5 33.75 -14.62 23.18
N MET A 6 32.62 -14.28 22.54
CA MET A 6 31.31 -14.15 23.23
C MET A 6 30.45 -15.42 23.04
N GLU A 7 29.74 -15.83 24.08
CA GLU A 7 28.79 -16.97 24.01
C GLU A 7 27.71 -16.68 22.95
N ARG A 8 27.30 -17.72 22.22
CA ARG A 8 26.21 -17.65 21.21
C ARG A 8 24.96 -17.07 21.90
N ALA A 9 24.54 -17.63 23.02
CA ALA A 9 23.31 -17.25 23.74
C ALA A 9 23.36 -15.75 24.15
N SER A 10 24.54 -15.25 24.53
CA SER A 10 24.78 -13.85 24.91
C SER A 10 24.65 -12.93 23.69
N LEU A 11 25.09 -13.40 22.51
CA LEU A 11 25.00 -12.63 21.25
C LEU A 11 23.52 -12.46 20.86
N ILE A 12 22.73 -13.55 20.93
CA ILE A 12 21.26 -13.49 20.63
C ILE A 12 20.63 -12.49 21.61
N GLN A 13 20.95 -12.60 22.91
CA GLN A 13 20.37 -11.73 23.97
C GLN A 13 20.63 -10.24 23.65
N LYS A 14 21.87 -9.88 23.29
CA LYS A 14 22.27 -8.49 23.05
C LYS A 14 21.70 -7.99 21.70
N ALA A 15 21.45 -8.92 20.77
CA ALA A 15 20.72 -8.57 19.53
C ALA A 15 19.33 -8.05 19.93
N LYS A 16 18.69 -8.68 20.93
CA LYS A 16 17.31 -8.29 21.34
C LYS A 16 17.35 -6.96 22.10
N LEU A 17 18.36 -6.75 22.94
CA LEU A 17 18.63 -5.44 23.59
C LEU A 17 18.82 -4.39 22.47
N ALA A 18 19.68 -4.65 21.48
CA ALA A 18 19.98 -3.70 20.40
C ALA A 18 18.66 -3.32 19.72
N GLU A 19 17.80 -4.29 19.47
CA GLU A 19 16.52 -4.07 18.73
C GLU A 19 15.68 -3.13 19.59
N GLN A 20 15.48 -3.44 20.86
CA GLN A 20 14.67 -2.61 21.79
C GLN A 20 15.21 -1.16 21.82
N ALA A 21 16.51 -0.94 21.60
CA ALA A 21 17.16 0.38 21.62
C ALA A 21 17.23 0.94 20.18
N GLU A 22 16.80 0.18 19.20
CA GLU A 22 16.81 0.58 17.78
C GLU A 22 18.24 0.90 17.34
N ARG A 23 19.21 0.10 17.81
CA ARG A 23 20.61 0.10 17.31
C ARG A 23 20.79 -1.10 16.37
N TYR A 24 20.27 -0.96 15.16
CA TYR A 24 20.25 -2.06 14.16
C TYR A 24 21.64 -2.40 13.67
N GLU A 25 22.59 -1.47 13.71
CA GLU A 25 23.96 -1.79 13.25
C GLU A 25 24.57 -2.76 14.26
N ASP A 26 24.30 -2.53 15.54
CA ASP A 26 24.84 -3.40 16.61
C ASP A 26 24.09 -4.73 16.53
N MET A 27 22.79 -4.66 16.24
CA MET A 27 21.91 -5.87 16.21
C MET A 27 22.41 -6.84 15.16
N ALA A 28 22.81 -6.26 14.03
CA ALA A 28 23.33 -6.99 12.86
C ALA A 28 24.68 -7.59 13.25
N ALA A 29 25.59 -6.80 13.76
CA ALA A 29 26.92 -7.29 14.23
C ALA A 29 26.78 -8.48 15.20
N PHE A 30 25.82 -8.42 16.15
CA PHE A 30 25.59 -9.48 17.15
C PHE A 30 25.08 -10.72 16.44
N MET A 31 24.10 -10.56 15.55
CA MET A 31 23.51 -11.71 14.82
C MET A 31 24.56 -12.30 13.84
N LYS A 32 25.41 -11.45 13.24
CA LYS A 32 26.52 -11.99 12.41
C LYS A 32 27.44 -12.86 13.27
N GLY A 33 27.79 -12.37 14.46
CA GLY A 33 28.63 -13.16 15.38
C GLY A 33 27.92 -14.47 15.71
N ALA A 34 26.59 -14.44 15.89
CA ALA A 34 25.82 -15.65 16.25
C ALA A 34 25.95 -16.70 15.11
N VAL A 35 25.65 -16.28 13.88
CA VAL A 35 25.78 -17.06 12.61
C VAL A 35 27.17 -17.67 12.53
N GLU A 36 28.22 -16.91 12.88
CA GLU A 36 29.63 -17.36 12.71
C GLU A 36 29.93 -18.51 13.67
N LYS A 37 29.09 -18.78 14.68
CA LYS A 37 29.35 -19.91 15.61
C LYS A 37 29.09 -21.21 14.86
N GLY A 38 28.45 -21.16 13.68
CA GLY A 38 28.38 -22.27 12.73
C GLY A 38 27.19 -23.19 12.93
N GLU A 39 26.27 -22.89 13.86
CA GLU A 39 25.02 -23.64 14.14
C GLU A 39 23.85 -23.06 13.33
N GLU A 40 22.99 -23.94 12.79
CA GLU A 40 21.69 -23.59 12.17
C GLU A 40 20.99 -22.47 12.96
N LEU A 41 20.45 -21.43 12.32
CA LEU A 41 19.65 -20.44 13.05
C LEU A 41 18.23 -21.02 13.17
N SER A 42 17.55 -20.81 14.29
CA SER A 42 16.13 -21.14 14.47
C SER A 42 15.35 -20.14 13.60
N CSO A 43 14.05 -20.35 13.49
CA CSO A 43 13.18 -19.45 12.75
CB CSO A 43 11.78 -20.09 12.65
SG CSO A 43 10.56 -19.09 11.76
C CSO A 43 13.18 -18.05 13.39
O CSO A 43 13.29 -17.05 12.70
OD CSO A 43 9.72 -18.31 12.96
N GLU A 44 13.13 -17.98 14.72
CA GLU A 44 13.18 -16.71 15.42
C GLU A 44 14.53 -16.02 15.16
N GLU A 45 15.63 -16.76 15.21
CA GLU A 45 16.98 -16.19 15.01
C GLU A 45 17.15 -15.65 13.58
N ARG A 46 16.75 -16.47 12.59
CA ARG A 46 16.66 -16.12 11.16
C ARG A 46 15.99 -14.74 11.05
N ASN A 47 14.84 -14.59 11.69
CA ASN A 47 14.00 -13.37 11.59
C ASN A 47 14.83 -12.21 12.14
N LEU A 48 15.58 -12.41 13.23
CA LEU A 48 16.34 -11.30 13.88
C LEU A 48 17.50 -10.85 12.95
N LEU A 49 18.18 -11.79 12.34
CA LEU A 49 19.31 -11.51 11.41
C LEU A 49 18.75 -10.60 10.30
N SER A 50 17.61 -11.01 9.76
CA SER A 50 16.93 -10.36 8.62
C SER A 50 16.44 -8.97 9.04
N VAL A 51 15.75 -8.85 10.17
CA VAL A 51 15.23 -7.54 10.69
C VAL A 51 16.40 -6.56 10.81
N ALA A 52 17.52 -7.02 11.32
CA ALA A 52 18.68 -6.18 11.66
C ALA A 52 19.27 -5.61 10.37
N TYR A 53 19.66 -6.47 9.43
CA TYR A 53 20.24 -6.03 8.13
C TYR A 53 19.18 -5.30 7.25
N LYS A 54 17.90 -5.65 7.30
CA LYS A 54 16.80 -4.95 6.59
C LYS A 54 16.79 -3.46 7.02
N ASN A 55 16.99 -3.19 8.32
CA ASN A 55 16.94 -1.81 8.89
C ASN A 55 18.23 -1.06 8.48
N VAL A 56 19.39 -1.73 8.47
CA VAL A 56 20.67 -1.08 8.05
C VAL A 56 20.57 -0.71 6.56
N VAL A 57 20.34 -1.66 5.62
CA VAL A 57 20.30 -1.28 4.16
C VAL A 57 19.10 -0.35 3.88
N GLY A 58 17.99 -0.51 4.59
CA GLY A 58 16.77 0.26 4.31
C GLY A 58 17.04 1.74 4.52
N GLY A 59 17.77 2.07 5.59
CA GLY A 59 18.16 3.46 5.87
C GLY A 59 19.14 4.00 4.82
N GLN A 60 20.08 3.15 4.36
CA GLN A 60 21.11 3.54 3.37
C GLN A 60 20.47 3.76 2.01
N ARG A 61 19.56 2.90 1.62
CA ARG A 61 18.79 3.09 0.35
C ARG A 61 18.00 4.41 0.42
N ALA A 62 17.30 4.69 1.51
CA ALA A 62 16.47 5.91 1.63
C ALA A 62 17.38 7.14 1.48
N ALA A 63 18.57 7.11 2.07
CA ALA A 63 19.56 8.22 2.00
C ALA A 63 20.09 8.36 0.55
N TRP A 64 20.39 7.24 -0.08
CA TRP A 64 20.84 7.22 -1.50
C TRP A 64 19.78 7.91 -2.39
N ARG A 65 18.48 7.58 -2.19
CA ARG A 65 17.35 8.06 -3.01
C ARG A 65 17.26 9.59 -2.90
N VAL A 66 17.41 10.14 -1.70
CA VAL A 66 17.38 11.61 -1.43
C VAL A 66 18.51 12.27 -2.22
N LEU A 67 19.72 11.75 -2.13
CA LEU A 67 20.91 12.37 -2.76
C LEU A 67 20.79 12.25 -4.27
N SER A 68 20.37 11.08 -4.76
CA SER A 68 20.25 10.71 -6.18
C SER A 68 19.24 11.65 -6.82
N SER A 69 18.20 12.00 -6.06
CA SER A 69 17.13 12.96 -6.45
C SER A 69 17.67 14.40 -6.53
N ILE A 70 18.45 14.84 -5.51
CA ILE A 70 19.09 16.18 -5.47
C ILE A 70 20.11 16.28 -6.61
N GLU A 71 20.74 15.17 -6.95
CA GLU A 71 21.77 15.16 -8.02
C GLU A 71 21.12 15.21 -9.40
N GLN A 72 19.85 14.82 -9.52
CA GLN A 72 19.18 14.80 -10.84
C GLN A 72 18.62 16.19 -11.18
N LYS A 73 18.63 17.10 -10.21
CA LYS A 73 18.19 18.52 -10.38
C LYS A 73 19.29 19.32 -11.08
N SER A 74 20.51 18.76 -11.15
CA SER A 74 21.66 19.21 -11.97
C SER A 74 21.52 18.47 -13.28
N ASN A 75 20.46 18.76 -14.04
CA ASN A 75 20.15 18.13 -15.33
C ASN A 75 20.75 18.97 -16.46
N LYS A 82 26.44 22.74 -11.65
CA LYS A 82 27.88 22.39 -11.53
C LYS A 82 28.21 22.04 -10.07
N GLY A 83 29.45 21.59 -9.82
CA GLY A 83 29.93 21.22 -8.48
C GLY A 83 29.92 19.71 -8.24
N PRO A 84 31.04 19.07 -7.86
CA PRO A 84 31.09 17.62 -7.68
C PRO A 84 30.70 17.06 -6.31
N GLU A 85 30.25 17.91 -5.38
CA GLU A 85 29.92 17.53 -3.98
C GLU A 85 28.77 16.50 -3.90
N VAL A 86 27.66 16.72 -4.59
CA VAL A 86 26.45 15.84 -4.55
C VAL A 86 26.84 14.42 -5.04
N ARG A 87 27.45 14.32 -6.23
CA ARG A 87 27.97 13.05 -6.80
C ARG A 87 28.86 12.39 -5.75
N GLU A 88 29.82 13.12 -5.18
CA GLU A 88 30.85 12.53 -4.28
C GLU A 88 30.17 11.89 -3.08
N TYR A 89 29.22 12.62 -2.50
CA TYR A 89 28.56 12.19 -1.24
C TYR A 89 27.66 11.00 -1.58
N ARG A 90 26.96 11.07 -2.72
CA ARG A 90 26.11 9.95 -3.20
C ARG A 90 26.97 8.69 -3.34
N GLU A 91 28.18 8.84 -3.88
CA GLU A 91 29.18 7.73 -4.04
C GLU A 91 29.61 7.18 -2.68
N LYS A 92 29.86 8.04 -1.69
CA LYS A 92 30.29 7.61 -0.35
C LYS A 92 29.21 6.68 0.21
N VAL A 93 27.95 7.14 0.22
CA VAL A 93 26.78 6.43 0.80
C VAL A 93 26.59 5.10 0.07
N GLU A 94 26.71 5.14 -1.27
CA GLU A 94 26.62 4.00 -2.21
C GLU A 94 27.62 2.92 -1.83
N THR A 95 28.89 3.25 -1.64
CA THR A 95 30.00 2.36 -1.20
C THR A 95 29.67 1.75 0.18
N GLU A 96 29.15 2.51 1.13
CA GLU A 96 28.75 1.90 2.43
C GLU A 96 27.63 0.87 2.22
N LEU A 97 26.63 1.22 1.39
CA LEU A 97 25.49 0.33 1.06
C LEU A 97 26.03 -0.97 0.44
N GLN A 98 26.92 -0.86 -0.53
CA GLN A 98 27.61 -2.01 -1.18
C GLN A 98 28.35 -2.85 -0.14
N GLY A 99 29.09 -2.22 0.78
CA GLY A 99 29.80 -2.90 1.88
C GLY A 99 28.86 -3.78 2.70
N VAL A 100 27.72 -3.24 3.11
CA VAL A 100 26.73 -3.99 3.92
C VAL A 100 26.17 -5.17 3.12
N CYS A 101 25.76 -4.94 1.86
CA CYS A 101 25.17 -5.96 0.97
C CYS A 101 26.18 -7.11 0.85
N ASP A 102 27.47 -6.79 0.71
CA ASP A 102 28.57 -7.79 0.51
C ASP A 102 28.71 -8.63 1.79
N THR A 103 28.58 -7.97 2.95
CA THR A 103 28.59 -8.65 4.27
C THR A 103 27.46 -9.70 4.34
N VAL A 104 26.26 -9.35 3.86
CA VAL A 104 25.05 -10.24 3.92
C VAL A 104 25.16 -11.38 2.89
N LEU A 105 25.64 -11.11 1.67
CA LEU A 105 25.88 -12.15 0.64
C LEU A 105 27.04 -13.05 1.07
N GLY A 106 28.03 -12.47 1.76
CA GLY A 106 29.11 -13.30 2.32
C GLY A 106 28.57 -14.22 3.40
N LEU A 107 27.66 -13.74 4.26
CA LEU A 107 27.01 -14.59 5.28
C LEU A 107 26.16 -15.70 4.64
N LEU A 108 25.40 -15.35 3.60
CA LEU A 108 24.46 -16.30 3.00
C LEU A 108 25.26 -17.43 2.36
N ASP A 109 26.32 -17.10 1.60
CA ASP A 109 27.09 -18.12 0.81
C ASP A 109 28.02 -18.86 1.77
N SER A 110 28.47 -18.23 2.85
CA SER A 110 29.50 -18.83 3.72
C SER A 110 28.87 -19.78 4.75
N HIS A 111 27.69 -19.42 5.31
CA HIS A 111 27.19 -20.08 6.54
C HIS A 111 25.75 -20.55 6.42
N LEU A 112 24.91 -19.90 5.61
CA LEU A 112 23.43 -20.02 5.74
C LEU A 112 22.77 -20.84 4.61
N ILE A 113 23.14 -20.62 3.33
CA ILE A 113 22.51 -21.30 2.16
C ILE A 113 23.07 -22.72 2.04
N LYS A 114 22.23 -23.75 2.15
CA LYS A 114 22.68 -25.15 2.31
C LYS A 114 21.73 -26.07 1.57
N GLU A 115 22.14 -27.32 1.30
CA GLU A 115 21.22 -28.40 0.84
C GLU A 115 20.33 -28.79 2.02
N ALA A 116 20.88 -28.77 3.22
CA ALA A 116 20.22 -29.18 4.48
C ALA A 116 19.18 -28.13 4.94
N GLY A 117 18.31 -28.54 5.86
CA GLY A 117 17.29 -27.69 6.48
C GLY A 117 15.95 -27.84 5.78
N ASP A 118 14.89 -27.34 6.42
CA ASP A 118 13.52 -27.37 5.90
C ASP A 118 13.44 -26.42 4.70
N ALA A 119 12.35 -26.51 3.93
CA ALA A 119 12.08 -25.71 2.73
C ALA A 119 11.96 -24.24 3.10
N GLU A 120 11.33 -23.95 4.24
CA GLU A 120 11.13 -22.58 4.81
C GLU A 120 12.48 -21.89 4.78
N SER A 121 13.45 -22.51 5.42
CA SER A 121 14.83 -21.98 5.59
C SER A 121 15.54 -21.79 4.24
N ARG A 122 15.50 -22.81 3.39
CA ARG A 122 16.14 -22.80 2.07
C ARG A 122 15.51 -21.70 1.17
N VAL A 123 14.20 -21.58 1.13
CA VAL A 123 13.57 -20.45 0.38
C VAL A 123 13.88 -19.07 1.03
N PHE A 124 13.75 -18.91 2.34
CA PHE A 124 13.94 -17.61 3.02
C PHE A 124 15.33 -17.11 2.63
N TYR A 125 16.34 -17.99 2.62
CA TYR A 125 17.75 -17.55 2.45
C TYR A 125 18.06 -17.23 0.99
N LEU A 126 17.51 -17.99 0.06
CA LEU A 126 17.69 -17.75 -1.39
C LEU A 126 16.97 -16.45 -1.77
N LYS A 127 15.80 -16.18 -1.19
CA LYS A 127 15.02 -14.94 -1.38
C LYS A 127 15.84 -13.73 -0.89
N MET A 128 16.43 -13.81 0.32
CA MET A 128 17.38 -12.81 0.90
C MET A 128 18.53 -12.55 -0.08
N LYS A 129 19.15 -13.60 -0.61
CA LYS A 129 20.20 -13.46 -1.64
C LYS A 129 19.65 -12.63 -2.79
N GLY A 130 18.42 -12.90 -3.26
CA GLY A 130 17.81 -12.15 -4.38
C GLY A 130 17.59 -10.69 -4.01
N ASP A 131 17.09 -10.48 -2.81
CA ASP A 131 16.84 -9.11 -2.30
C ASP A 131 18.15 -8.30 -2.32
N TYR A 132 19.23 -8.86 -1.77
CA TYR A 132 20.50 -8.12 -1.54
C TYR A 132 21.19 -7.90 -2.89
N TYR A 133 21.07 -8.82 -3.84
CA TYR A 133 21.54 -8.55 -5.23
C TYR A 133 20.63 -7.49 -5.87
N ARG A 134 19.33 -7.51 -5.56
CA ARG A 134 18.42 -6.48 -6.12
C ARG A 134 18.90 -5.11 -5.60
N TYR A 135 19.27 -5.03 -4.34
CA TYR A 135 19.67 -3.73 -3.74
C TYR A 135 20.96 -3.28 -4.45
N LEU A 136 21.91 -4.18 -4.72
CA LEU A 136 23.16 -3.83 -5.42
C LEU A 136 22.83 -3.39 -6.85
N ALA A 137 21.81 -3.97 -7.47
CA ALA A 137 21.38 -3.66 -8.86
C ALA A 137 20.93 -2.20 -8.93
N GLU A 138 20.18 -1.72 -7.96
CA GLU A 138 19.64 -0.32 -7.92
C GLU A 138 20.77 0.72 -8.10
N VAL A 139 22.00 0.49 -7.63
CA VAL A 139 23.09 1.50 -7.63
C VAL A 139 24.20 1.12 -8.63
N ALA A 140 24.10 -0.01 -9.31
CA ALA A 140 25.17 -0.56 -10.18
C ALA A 140 25.02 -0.01 -11.60
N THR A 141 26.08 -0.05 -12.42
CA THR A 141 26.04 0.30 -13.89
C THR A 141 26.79 -0.70 -14.78
N GLY A 142 26.57 -0.64 -16.09
CA GLY A 142 27.36 -1.38 -17.11
C GLY A 142 27.40 -2.88 -16.82
N ASP A 143 28.58 -3.49 -16.99
CA ASP A 143 28.76 -4.98 -16.92
C ASP A 143 28.56 -5.47 -15.50
N ASP A 144 29.01 -4.72 -14.50
CA ASP A 144 28.72 -5.03 -13.08
C ASP A 144 27.19 -5.25 -12.94
N LYS A 145 26.38 -4.32 -13.47
CA LYS A 145 24.91 -4.33 -13.34
C LYS A 145 24.35 -5.58 -14.04
N LYS A 146 24.84 -5.97 -15.19
CA LYS A 146 24.34 -7.17 -15.88
C LYS A 146 24.51 -8.37 -14.94
N ARG A 147 25.72 -8.59 -14.46
CA ARG A 147 26.07 -9.81 -13.67
C ARG A 147 25.16 -9.85 -12.43
N ILE A 148 25.00 -8.67 -11.77
CA ILE A 148 24.19 -8.50 -10.51
C ILE A 148 22.71 -8.86 -10.75
N ILE A 149 22.09 -8.30 -11.79
CA ILE A 149 20.69 -8.59 -12.23
C ILE A 149 20.57 -10.09 -12.51
N ASP A 150 21.54 -10.70 -13.21
CA ASP A 150 21.52 -12.16 -13.49
C ASP A 150 21.57 -12.96 -12.17
N SER A 151 22.43 -12.55 -11.21
CA SER A 151 22.65 -13.23 -9.91
C SER A 151 21.37 -13.16 -9.06
N ALA A 152 20.66 -12.02 -9.10
CA ALA A 152 19.33 -11.83 -8.46
C ALA A 152 18.28 -12.78 -9.07
N ARG A 153 18.00 -12.68 -10.36
CA ARG A 153 16.95 -13.52 -11.05
C ARG A 153 17.18 -14.98 -10.66
N SER A 154 18.45 -15.37 -10.70
CA SER A 154 18.95 -16.75 -10.56
C SER A 154 18.66 -17.25 -9.14
N ALA A 155 18.91 -16.40 -8.14
CA ALA A 155 18.62 -16.71 -6.71
C ALA A 155 17.11 -16.75 -6.50
N TYR A 156 16.40 -15.73 -6.94
CA TYR A 156 14.93 -15.72 -6.84
C TYR A 156 14.34 -16.99 -7.46
N GLN A 157 14.81 -17.36 -8.66
CA GLN A 157 14.30 -18.50 -9.46
C GLN A 157 14.53 -19.83 -8.74
N GLU A 158 15.65 -19.96 -8.04
CA GLU A 158 15.99 -21.20 -7.33
C GLU A 158 15.01 -21.35 -6.18
N ALA A 159 14.76 -20.25 -5.45
CA ALA A 159 13.75 -20.13 -4.37
C ALA A 159 12.36 -20.46 -4.92
N MET A 160 12.01 -19.97 -6.11
CA MET A 160 10.68 -20.23 -6.71
C MET A 160 10.54 -21.73 -7.01
N ASP A 161 11.53 -22.39 -7.60
CA ASP A 161 11.52 -23.86 -7.86
C ASP A 161 11.28 -24.63 -6.53
N ILE A 162 12.02 -24.32 -5.47
CA ILE A 162 11.87 -25.03 -4.16
C ILE A 162 10.46 -24.77 -3.58
N SER A 163 9.98 -23.52 -3.62
CA SER A 163 8.67 -23.13 -3.00
C SER A 163 7.52 -23.81 -3.76
N LYS A 164 7.57 -23.86 -5.10
CA LYS A 164 6.55 -24.56 -5.93
C LYS A 164 6.52 -26.07 -5.63
N LYS A 165 7.65 -26.69 -5.31
CA LYS A 165 7.74 -28.17 -5.06
C LYS A 165 7.25 -28.51 -3.64
N GLU A 166 7.63 -27.75 -2.62
CA GLU A 166 7.64 -28.20 -1.20
C GLU A 166 6.66 -27.41 -0.32
N MET A 167 6.02 -26.36 -0.81
CA MET A 167 5.20 -25.44 0.02
C MET A 167 3.86 -25.22 -0.68
N PRO A 168 2.75 -25.09 0.08
CA PRO A 168 1.48 -24.80 -0.54
C PRO A 168 1.47 -23.37 -1.06
N PRO A 169 0.59 -23.06 -2.03
CA PRO A 169 0.52 -21.72 -2.62
C PRO A 169 0.13 -20.60 -1.64
N THR A 170 -0.38 -20.95 -0.45
CA THR A 170 -0.74 -19.98 0.62
C THR A 170 0.40 -19.70 1.59
N ASN A 171 1.55 -20.35 1.46
CA ASN A 171 2.65 -20.22 2.45
C ASN A 171 3.17 -18.77 2.45
N PRO A 172 3.27 -18.06 3.62
CA PRO A 172 3.68 -16.65 3.67
C PRO A 172 5.08 -16.36 3.10
N ILE A 173 5.99 -17.36 3.17
CA ILE A 173 7.38 -17.20 2.61
C ILE A 173 7.34 -17.29 1.09
N ARG A 174 6.64 -18.27 0.55
CA ARG A 174 6.37 -18.40 -0.91
C ARG A 174 5.67 -17.15 -1.47
N LEU A 175 4.68 -16.60 -0.78
CA LEU A 175 3.97 -15.36 -1.21
C LEU A 175 4.91 -14.17 -1.16
N GLY A 176 5.74 -14.04 -0.15
CA GLY A 176 6.69 -12.90 -0.04
C GLY A 176 7.80 -13.00 -1.10
N LEU A 177 8.26 -14.22 -1.37
CA LEU A 177 9.24 -14.44 -2.48
C LEU A 177 8.62 -13.96 -3.79
N ALA A 178 7.39 -14.38 -4.07
CA ALA A 178 6.66 -13.96 -5.30
C ALA A 178 6.48 -12.43 -5.35
N LEU A 179 6.03 -11.77 -4.29
CA LEU A 179 5.90 -10.29 -4.20
C LEU A 179 7.20 -9.60 -4.57
N ASN A 180 8.30 -9.93 -3.87
CA ASN A 180 9.64 -9.31 -4.06
C ASN A 180 10.18 -9.66 -5.44
N PHE A 181 10.00 -10.90 -5.94
CA PHE A 181 10.52 -11.26 -7.28
C PHE A 181 9.76 -10.40 -8.31
N SER A 182 8.45 -10.22 -8.11
CA SER A 182 7.62 -9.46 -9.07
C SER A 182 8.07 -8.00 -9.06
N VAL A 183 8.44 -7.42 -7.91
CA VAL A 183 8.95 -6.02 -7.84
C VAL A 183 10.35 -5.91 -8.50
N PHE A 184 11.19 -6.93 -8.36
CA PHE A 184 12.44 -7.08 -9.19
C PHE A 184 12.11 -6.95 -10.69
N HIS A 185 11.19 -7.77 -11.21
CA HIS A 185 10.78 -7.74 -12.64
C HIS A 185 10.43 -6.31 -13.05
N TYR A 186 9.63 -5.61 -12.23
CA TYR A 186 9.05 -4.30 -12.60
C TYR A 186 10.14 -3.22 -12.48
N GLU A 187 10.81 -3.12 -11.33
CA GLU A 187 11.66 -1.93 -11.02
C GLU A 187 13.09 -2.14 -11.53
N ILE A 188 13.52 -3.38 -11.75
CA ILE A 188 14.97 -3.70 -12.01
C ILE A 188 15.14 -4.26 -13.42
N ALA A 189 14.49 -5.38 -13.75
CA ALA A 189 14.76 -6.22 -14.94
C ALA A 189 13.99 -5.70 -16.17
N ASN A 190 13.21 -4.63 -16.01
CA ASN A 190 12.49 -3.92 -17.10
C ASN A 190 11.60 -4.93 -17.81
N SER A 191 10.82 -5.67 -17.01
CA SER A 191 9.85 -6.71 -17.44
C SER A 191 8.51 -6.49 -16.74
N PRO A 192 7.78 -5.39 -17.02
CA PRO A 192 6.41 -5.21 -16.55
C PRO A 192 5.52 -6.45 -16.80
N GLU A 193 5.66 -7.08 -17.95
CA GLU A 193 4.84 -8.26 -18.37
C GLU A 193 5.11 -9.41 -17.39
N GLU A 194 6.37 -9.73 -17.07
CA GLU A 194 6.66 -10.87 -16.16
C GLU A 194 6.25 -10.48 -14.73
N ALA A 195 6.31 -9.18 -14.37
CA ALA A 195 5.94 -8.67 -13.03
C ALA A 195 4.45 -8.92 -12.80
N ILE A 196 3.63 -8.49 -13.76
CA ILE A 196 2.14 -8.60 -13.72
C ILE A 196 1.74 -10.08 -13.74
N SER A 197 2.37 -10.87 -14.61
CA SER A 197 2.09 -12.31 -14.76
C SER A 197 2.38 -13.06 -13.46
N LEU A 198 3.51 -12.79 -12.79
CA LEU A 198 3.91 -13.49 -11.55
C LEU A 198 2.94 -13.18 -10.41
N ALA A 199 2.70 -11.88 -10.15
CA ALA A 199 1.74 -11.35 -9.14
C ALA A 199 0.36 -12.00 -9.35
N LYS A 200 -0.12 -12.09 -10.60
CA LYS A 200 -1.50 -12.58 -10.89
C LYS A 200 -1.57 -14.11 -10.65
N THR A 201 -0.62 -14.88 -11.19
CA THR A 201 -0.66 -16.34 -11.01
C THR A 201 -0.32 -16.66 -9.54
N THR A 202 0.38 -15.78 -8.80
CA THR A 202 0.63 -16.01 -7.34
C THR A 202 -0.70 -15.89 -6.59
N PHE A 203 -1.43 -14.81 -6.83
CA PHE A 203 -2.73 -14.49 -6.19
C PHE A 203 -3.79 -15.55 -6.48
N ASP A 204 -3.94 -15.89 -7.76
CA ASP A 204 -5.01 -16.79 -8.28
C ASP A 204 -4.72 -18.22 -7.77
N GLU A 205 -3.46 -18.62 -7.66
CA GLU A 205 -3.13 -20.01 -7.27
C GLU A 205 -3.40 -20.21 -5.78
N ALA A 206 -3.22 -19.16 -4.97
CA ALA A 206 -3.49 -19.15 -3.51
C ALA A 206 -5.00 -19.30 -3.28
N MET A 207 -5.81 -18.54 -4.04
CA MET A 207 -7.30 -18.59 -4.04
C MET A 207 -7.81 -19.98 -4.47
N ALA A 208 -7.26 -20.57 -5.52
CA ALA A 208 -7.67 -21.92 -6.02
C ALA A 208 -7.31 -23.02 -5.01
N ASP A 209 -6.25 -22.85 -4.20
CA ASP A 209 -5.84 -23.79 -3.14
C ASP A 209 -6.03 -23.13 -1.77
N LEU A 210 -7.14 -22.43 -1.53
CA LEU A 210 -7.35 -21.66 -0.27
C LEU A 210 -7.48 -22.62 0.92
N HIS A 211 -8.00 -23.81 0.68
CA HIS A 211 -8.15 -24.91 1.68
C HIS A 211 -6.81 -25.22 2.35
N THR A 212 -5.68 -24.88 1.75
CA THR A 212 -4.33 -25.14 2.32
C THR A 212 -3.85 -24.08 3.33
N LEU A 213 -4.64 -23.00 3.54
CA LEU A 213 -4.26 -21.79 4.34
C LEU A 213 -4.29 -22.17 5.82
N SER A 214 -3.18 -22.07 6.53
CA SER A 214 -3.11 -22.53 7.93
C SER A 214 -3.43 -21.36 8.88
N GLU A 215 -4.04 -21.68 10.04
CA GLU A 215 -4.24 -20.81 11.23
C GLU A 215 -3.00 -19.92 11.45
N ASP A 216 -1.83 -20.56 11.51
CA ASP A 216 -0.49 -19.97 11.77
C ASP A 216 -0.13 -18.94 10.64
N SER A 217 -0.70 -18.97 9.42
CA SER A 217 -0.29 -18.08 8.31
C SER A 217 -1.43 -17.14 7.85
N TYR A 218 -2.65 -17.36 8.35
CA TYR A 218 -3.85 -16.54 8.02
C TYR A 218 -3.47 -15.05 7.99
N LYS A 219 -2.91 -14.50 9.05
CA LYS A 219 -2.61 -13.05 9.12
C LYS A 219 -1.57 -12.57 8.11
N ASP A 220 -0.42 -13.23 8.07
CA ASP A 220 0.75 -12.86 7.23
C ASP A 220 0.37 -13.06 5.76
N SER A 221 -0.19 -14.23 5.41
CA SER A 221 -0.52 -14.59 4.02
C SER A 221 -1.59 -13.61 3.53
N THR A 222 -2.53 -13.20 4.37
CA THR A 222 -3.61 -12.28 3.95
C THR A 222 -3.03 -10.88 3.66
N LEU A 223 -2.05 -10.43 4.44
CA LEU A 223 -1.51 -9.10 4.18
C LEU A 223 -0.68 -9.15 2.89
N ILE A 224 0.14 -10.16 2.73
CA ILE A 224 0.98 -10.27 1.49
C ILE A 224 0.06 -10.39 0.25
N MET A 225 -1.07 -11.08 0.34
CA MET A 225 -2.07 -11.18 -0.75
C MET A 225 -2.58 -9.75 -1.09
N GLN A 226 -2.71 -8.88 -0.11
CA GLN A 226 -3.25 -7.54 -0.38
C GLN A 226 -2.18 -6.77 -1.14
N LEU A 227 -0.92 -6.94 -0.77
CA LEU A 227 0.22 -6.23 -1.42
C LEU A 227 0.38 -6.70 -2.88
N LEU A 228 0.19 -8.00 -3.15
CA LEU A 228 0.17 -8.58 -4.51
C LEU A 228 -0.91 -7.86 -5.34
N ARG A 229 -2.08 -7.72 -4.75
CA ARG A 229 -3.28 -7.16 -5.42
C ARG A 229 -3.03 -5.67 -5.66
N ASP A 230 -2.50 -4.95 -4.68
CA ASP A 230 -2.31 -3.48 -4.75
C ASP A 230 -1.40 -3.18 -5.95
N ASN A 231 -0.35 -3.98 -6.11
CA ASN A 231 0.62 -3.84 -7.22
C ASN A 231 -0.11 -4.14 -8.56
N LEU A 232 -0.88 -5.22 -8.64
CA LEU A 232 -1.59 -5.59 -9.88
C LEU A 232 -2.45 -4.41 -10.35
N THR A 233 -3.01 -3.66 -9.37
CA THR A 233 -3.94 -2.50 -9.56
C THR A 233 -3.13 -1.28 -10.07
N LEU A 234 -1.88 -1.13 -9.63
CA LEU A 234 -0.96 -0.02 -10.02
C LEU A 234 -0.41 -0.28 -11.41
N TRP A 235 -0.21 -1.55 -11.80
CA TRP A 235 0.50 -1.93 -13.05
C TRP A 235 -0.50 -2.24 -14.18
N THR A 236 -1.70 -2.64 -13.80
CA THR A 236 -2.76 -3.09 -14.73
C THR A 236 -3.83 -2.02 -14.89
N GLN B 1 -22.85 -8.14 -4.75
CA GLN B 1 -22.53 -6.88 -4.00
C GLN B 1 -23.49 -6.72 -2.78
N GLY B 2 -22.96 -6.11 -1.73
CA GLY B 2 -23.71 -5.54 -0.60
C GLY B 2 -23.82 -6.45 0.61
N LEU B 3 -23.43 -7.74 0.55
CA LEU B 3 -23.68 -8.72 1.65
C LEU B 3 -23.17 -8.16 2.98
N LEU B 4 -21.96 -7.61 3.03
CA LEU B 4 -21.36 -7.04 4.27
C LEU B 4 -22.21 -5.90 4.82
N ASP B 5 -22.56 -4.94 3.96
CA ASP B 5 -23.45 -3.81 4.34
C ASP B 5 -24.79 -4.41 4.78
N ALA B 6 -25.33 -5.37 4.03
CA ALA B 6 -26.68 -5.94 4.24
C ALA B 6 -26.75 -6.67 5.58
N LEU B 7 -25.63 -7.21 6.06
CA LEU B 7 -25.60 -8.04 7.30
C LEU B 7 -25.67 -7.14 8.52
N ASP B 8 -25.50 -5.82 8.35
CA ASP B 8 -25.96 -4.85 9.40
C ASP B 8 -25.26 -5.32 10.67
N LEU B 9 -23.95 -5.40 10.65
CA LEU B 9 -23.08 -5.95 11.73
C LEU B 9 -23.12 -4.98 12.92
N ALA B 10 -23.30 -5.47 14.15
CA ALA B 10 -23.52 -4.70 15.41
C ALA B 10 -22.24 -4.09 15.97
N SER B 11 -22.38 -3.00 16.75
N GLN C 1 7.30 -14.68 16.08
CA GLN C 1 7.20 -13.21 16.11
C GLN C 1 8.20 -12.65 15.08
N GLY C 2 7.77 -11.65 14.30
CA GLY C 2 8.63 -10.91 13.37
C GLY C 2 8.78 -11.48 11.97
N LEU C 3 8.02 -12.49 11.57
CA LEU C 3 8.21 -13.05 10.21
C LEU C 3 7.89 -12.02 9.13
N LEU C 4 6.80 -11.29 9.28
CA LEU C 4 6.39 -10.29 8.26
C LEU C 4 7.44 -9.20 8.11
N ASP C 5 8.00 -8.76 9.22
CA ASP C 5 9.05 -7.70 9.24
C ASP C 5 10.32 -8.27 8.64
N ALA C 6 10.64 -9.51 8.98
CA ALA C 6 11.86 -10.22 8.51
C ALA C 6 11.77 -10.58 7.03
N LEU C 7 10.57 -10.62 6.47
CA LEU C 7 10.39 -10.97 5.03
C LEU C 7 10.81 -9.82 4.12
N ASP C 8 10.93 -8.60 4.65
CA ASP C 8 11.50 -7.45 3.89
C ASP C 8 10.69 -7.31 2.61
N LEU C 9 9.39 -7.12 2.75
CA LEU C 9 8.48 -7.01 1.61
C LEU C 9 8.77 -5.75 0.78
N ALA C 10 8.78 -5.89 -0.53
CA ALA C 10 9.14 -4.78 -1.45
C ALA C 10 7.94 -3.88 -1.76
N SER C 11 6.80 -4.48 -2.12
CA SER C 11 5.54 -3.78 -2.51
C SER C 11 5.77 -2.92 -3.76
N GLY D 1 -51.26 -0.91 -0.65
CA GLY D 1 -50.05 -0.06 -0.63
C GLY D 1 -49.99 0.80 -1.88
N ALA D 2 -49.36 1.97 -1.76
CA ALA D 2 -49.12 2.88 -2.90
C ALA D 2 -48.17 2.28 -3.92
N MET D 3 -47.61 1.07 -3.73
CA MET D 3 -46.67 0.47 -4.72
C MET D 3 -47.38 -0.64 -5.51
N GLY D 4 -48.65 -0.89 -5.22
CA GLY D 4 -49.43 -2.00 -5.83
C GLY D 4 -49.58 -1.89 -7.34
N SER D 5 -49.67 -0.69 -7.92
CA SER D 5 -49.89 -0.52 -9.39
C SER D 5 -48.56 -0.51 -10.16
N MET D 6 -47.42 -0.57 -9.47
CA MET D 6 -46.09 -0.56 -10.10
C MET D 6 -45.53 -1.98 -10.38
N GLU D 7 -44.86 -2.17 -11.51
CA GLU D 7 -44.25 -3.49 -11.87
C GLU D 7 -43.12 -3.80 -10.89
N ARG D 8 -42.97 -5.08 -10.52
CA ARG D 8 -41.89 -5.61 -9.64
C ARG D 8 -40.56 -5.09 -10.15
N ALA D 9 -40.27 -5.26 -11.43
CA ALA D 9 -38.95 -4.92 -11.99
C ALA D 9 -38.72 -3.41 -11.89
N SER D 10 -39.77 -2.59 -12.00
CA SER D 10 -39.62 -1.11 -11.88
C SER D 10 -39.41 -0.73 -10.41
N LEU D 11 -39.99 -1.47 -9.47
CA LEU D 11 -39.77 -1.17 -8.03
C LEU D 11 -38.32 -1.45 -7.64
N ILE D 12 -37.76 -2.61 -8.05
CA ILE D 12 -36.31 -2.99 -7.90
C ILE D 12 -35.46 -1.90 -8.57
N GLN D 13 -35.75 -1.53 -9.80
CA GLN D 13 -34.98 -0.48 -10.54
C GLN D 13 -34.92 0.85 -9.75
N LYS D 14 -36.04 1.36 -9.24
CA LYS D 14 -36.13 2.64 -8.49
C LYS D 14 -35.58 2.49 -7.07
N ALA D 15 -35.49 1.27 -6.57
CA ALA D 15 -34.79 1.01 -5.29
C ALA D 15 -33.32 1.28 -5.52
N LYS D 16 -32.78 0.88 -6.66
CA LYS D 16 -31.36 1.13 -7.02
C LYS D 16 -31.15 2.63 -7.23
N LEU D 17 -32.11 3.32 -7.85
CA LEU D 17 -32.01 4.78 -8.05
C LEU D 17 -31.99 5.47 -6.68
N ALA D 18 -32.94 5.13 -5.83
CA ALA D 18 -33.02 5.65 -4.46
C ALA D 18 -31.67 5.46 -3.74
N GLU D 19 -31.04 4.30 -3.86
CA GLU D 19 -29.74 4.00 -3.19
C GLU D 19 -28.71 5.00 -3.72
N GLN D 20 -28.52 5.07 -5.02
CA GLN D 20 -27.55 6.01 -5.63
C GLN D 20 -27.78 7.47 -5.14
N ALA D 21 -29.01 7.83 -4.75
CA ALA D 21 -29.42 9.18 -4.34
C ALA D 21 -29.34 9.30 -2.82
N GLU D 22 -29.11 8.19 -2.12
CA GLU D 22 -29.08 8.14 -0.64
C GLU D 22 -30.45 8.54 -0.10
N ARG D 23 -31.51 8.04 -0.72
CA ARG D 23 -32.91 8.22 -0.25
C ARG D 23 -33.42 6.86 0.28
N TYR D 24 -32.98 6.51 1.48
CA TYR D 24 -33.22 5.19 2.11
C TYR D 24 -34.67 4.97 2.50
N GLU D 25 -35.41 6.03 2.78
CA GLU D 25 -36.84 5.86 3.11
C GLU D 25 -37.54 5.40 1.85
N ASP D 26 -37.20 5.99 0.71
CA ASP D 26 -37.82 5.62 -0.59
C ASP D 26 -37.32 4.24 -1.00
N MET D 27 -36.03 3.98 -0.79
CA MET D 27 -35.44 2.67 -1.16
C MET D 27 -36.20 1.57 -0.44
N ALA D 28 -36.51 1.80 0.85
CA ALA D 28 -37.20 0.82 1.73
C ALA D 28 -38.62 0.64 1.22
N ALA D 29 -39.32 1.72 0.97
CA ALA D 29 -40.72 1.73 0.47
C ALA D 29 -40.82 0.94 -0.85
N PHE D 30 -39.88 1.13 -1.77
CA PHE D 30 -39.85 0.42 -3.07
C PHE D 30 -39.60 -1.06 -2.82
N MET D 31 -38.60 -1.39 -2.01
CA MET D 31 -38.27 -2.81 -1.75
C MET D 31 -39.44 -3.50 -1.01
N LYS D 32 -40.14 -2.80 -0.10
CA LYS D 32 -41.38 -3.30 0.55
C LYS D 32 -42.45 -3.60 -0.53
N GLY D 33 -42.64 -2.71 -1.48
CA GLY D 33 -43.58 -2.98 -2.59
C GLY D 33 -43.15 -4.21 -3.37
N ALA D 34 -41.85 -4.41 -3.56
CA ALA D 34 -41.34 -5.53 -4.35
C ALA D 34 -41.71 -6.84 -3.64
N VAL D 35 -41.39 -6.91 -2.35
CA VAL D 35 -41.66 -8.10 -1.47
C VAL D 35 -43.14 -8.43 -1.52
N GLU D 36 -44.01 -7.41 -1.47
CA GLU D 36 -45.48 -7.61 -1.49
C GLU D 36 -45.97 -8.24 -2.80
N LYS D 37 -45.14 -8.34 -3.84
CA LYS D 37 -45.59 -9.00 -5.10
C LYS D 37 -45.66 -10.51 -4.86
N GLY D 38 -45.07 -10.99 -3.77
CA GLY D 38 -45.30 -12.36 -3.29
C GLY D 38 -44.32 -13.35 -3.90
N GLU D 39 -43.23 -12.91 -4.53
CA GLU D 39 -42.14 -13.82 -5.04
C GLU D 39 -40.92 -13.80 -4.11
N GLU D 40 -40.17 -14.89 -4.11
CA GLU D 40 -38.92 -14.97 -3.32
C GLU D 40 -37.94 -13.92 -3.83
N LEU D 41 -37.25 -13.23 -2.92
CA LEU D 41 -36.19 -12.31 -3.31
C LEU D 41 -34.93 -13.11 -3.71
N SER D 42 -34.21 -12.62 -4.71
CA SER D 42 -32.84 -13.08 -5.05
C SER D 42 -31.93 -12.61 -3.92
N CSO D 43 -30.68 -13.11 -3.92
CA CSO D 43 -29.75 -12.72 -2.88
CB CSO D 43 -28.45 -13.60 -2.93
SG CSO D 43 -26.86 -12.70 -2.87
C CSO D 43 -29.53 -11.21 -2.96
O CSO D 43 -29.39 -10.53 -1.96
OD CSO D 43 -26.40 -12.63 -1.28
N GLU D 44 -29.43 -10.67 -4.18
CA GLU D 44 -29.13 -9.28 -4.39
C GLU D 44 -30.32 -8.42 -3.90
N GLU D 45 -31.57 -8.84 -4.21
CA GLU D 45 -32.79 -8.15 -3.75
C GLU D 45 -32.87 -8.17 -2.20
N ARG D 46 -32.69 -9.33 -1.60
CA ARG D 46 -32.56 -9.51 -0.11
C ARG D 46 -31.62 -8.43 0.45
N ASN D 47 -30.44 -8.26 -0.11
CA ASN D 47 -29.40 -7.33 0.37
C ASN D 47 -29.93 -5.90 0.25
N LEU D 48 -30.66 -5.56 -0.84
CA LEU D 48 -31.21 -4.18 -1.04
C LEU D 48 -32.30 -3.91 0.03
N LEU D 49 -33.19 -4.84 0.31
CA LEU D 49 -34.21 -4.69 1.37
C LEU D 49 -33.50 -4.35 2.68
N SER D 50 -32.51 -5.18 3.02
CA SER D 50 -31.74 -5.08 4.28
C SER D 50 -30.95 -3.76 4.34
N VAL D 51 -30.30 -3.34 3.25
CA VAL D 51 -29.50 -2.09 3.21
C VAL D 51 -30.43 -0.90 3.50
N ALA D 52 -31.60 -0.92 2.88
CA ALA D 52 -32.57 0.17 2.88
C ALA D 52 -33.06 0.38 4.31
N TYR D 53 -33.62 -0.67 4.93
CA TYR D 53 -34.17 -0.59 6.32
C TYR D 53 -33.04 -0.47 7.39
N LYS D 54 -31.86 -1.04 7.17
CA LYS D 54 -30.69 -0.83 8.09
C LYS D 54 -30.39 0.68 8.16
N ASN D 55 -30.49 1.40 7.05
CA ASN D 55 -30.12 2.84 7.00
C ASN D 55 -31.21 3.71 7.68
N VAL D 56 -32.47 3.39 7.48
CA VAL D 56 -33.60 4.08 8.13
C VAL D 56 -33.46 3.92 9.65
N VAL D 57 -33.47 2.71 10.21
CA VAL D 57 -33.46 2.51 11.69
C VAL D 57 -32.12 2.97 12.23
N GLY D 58 -31.01 2.78 11.48
CA GLY D 58 -29.65 3.23 11.86
C GLY D 58 -29.61 4.71 12.20
N GLY D 59 -30.19 5.57 11.34
CA GLY D 59 -30.35 7.02 11.57
C GLY D 59 -31.22 7.33 12.78
N GLN D 60 -32.34 6.63 12.95
CA GLN D 60 -33.29 6.84 14.07
C GLN D 60 -32.63 6.44 15.41
N ARG D 61 -31.96 5.30 15.48
CA ARG D 61 -31.23 4.86 16.68
C ARG D 61 -30.18 5.89 17.08
N ALA D 62 -29.40 6.40 16.12
CA ALA D 62 -28.35 7.40 16.40
C ALA D 62 -29.00 8.67 16.96
N ALA D 63 -30.16 9.05 16.44
CA ALA D 63 -30.88 10.27 16.89
C ALA D 63 -31.42 10.03 18.33
N TRP D 64 -31.92 8.81 18.59
CA TRP D 64 -32.40 8.39 19.93
C TRP D 64 -31.28 8.50 20.98
N ARG D 65 -30.07 8.09 20.63
CA ARG D 65 -28.91 8.05 21.53
C ARG D 65 -28.51 9.48 21.87
N VAL D 66 -28.53 10.38 20.89
CA VAL D 66 -28.15 11.80 21.16
C VAL D 66 -29.12 12.36 22.20
N LEU D 67 -30.42 12.20 21.97
CA LEU D 67 -31.49 12.79 22.81
C LEU D 67 -31.49 12.10 24.18
N SER D 68 -31.33 10.78 24.19
CA SER D 68 -31.34 9.93 25.42
C SER D 68 -30.21 10.36 26.33
N SER D 69 -29.11 10.73 25.72
CA SER D 69 -27.91 11.26 26.40
C SER D 69 -28.17 12.67 26.96
N ILE D 70 -28.78 13.57 26.17
CA ILE D 70 -29.06 14.99 26.58
C ILE D 70 -30.10 14.99 27.70
N GLU D 71 -31.02 14.02 27.69
CA GLU D 71 -32.04 13.78 28.75
C GLU D 71 -31.36 13.41 30.08
N GLN D 72 -30.39 12.51 30.04
CA GLN D 72 -29.69 11.98 31.25
C GLN D 72 -28.82 13.07 31.87
N LYS D 73 -28.43 14.09 31.11
CA LYS D 73 -27.63 15.25 31.62
C LYS D 73 -28.49 16.12 32.55
N SER D 74 -29.81 16.03 32.43
CA SER D 74 -30.80 16.56 33.39
C SER D 74 -30.96 15.48 34.46
N ASN D 75 -29.93 15.35 35.31
CA ASN D 75 -29.80 14.36 36.41
C ASN D 75 -30.24 14.98 37.73
N LYS D 82 -36.42 20.52 35.34
CA LYS D 82 -35.89 19.83 34.13
C LYS D 82 -36.71 20.23 32.88
N GLY D 83 -38.07 20.31 32.94
CA GLY D 83 -38.96 20.59 31.78
C GLY D 83 -39.17 19.37 30.85
N PRO D 84 -40.36 19.16 30.25
CA PRO D 84 -40.67 17.91 29.55
C PRO D 84 -40.21 17.77 28.09
N GLU D 85 -39.58 18.79 27.52
CA GLU D 85 -39.35 18.88 26.06
C GLU D 85 -38.46 17.72 25.53
N VAL D 86 -37.33 17.44 26.20
CA VAL D 86 -36.33 16.43 25.72
C VAL D 86 -36.99 15.05 25.79
N ARG D 87 -37.69 14.74 26.88
CA ARG D 87 -38.41 13.43 27.01
C ARG D 87 -39.41 13.34 25.85
N GLU D 88 -40.20 14.39 25.61
CA GLU D 88 -41.26 14.40 24.59
C GLU D 88 -40.66 14.06 23.23
N TYR D 89 -39.52 14.69 22.90
CA TYR D 89 -38.96 14.62 21.54
C TYR D 89 -38.33 13.22 21.36
N ARG D 90 -37.69 12.75 22.42
CA ARG D 90 -37.14 11.37 22.50
C ARG D 90 -38.28 10.37 22.26
N GLU D 91 -39.44 10.60 22.87
CA GLU D 91 -40.64 9.71 22.69
C GLU D 91 -41.13 9.76 21.23
N LYS D 92 -41.14 10.93 20.60
CA LYS D 92 -41.57 11.08 19.17
C LYS D 92 -40.69 10.18 18.29
N VAL D 93 -39.37 10.35 18.35
CA VAL D 93 -38.34 9.62 17.55
C VAL D 93 -38.45 8.10 17.86
N GLU D 94 -38.64 7.78 19.15
CA GLU D 94 -38.81 6.40 19.64
C GLU D 94 -39.99 5.75 18.90
N THR D 95 -41.14 6.42 18.88
CA THR D 95 -42.36 5.91 18.24
C THR D 95 -42.16 5.68 16.74
N GLU D 96 -41.39 6.53 16.08
CA GLU D 96 -41.13 6.38 14.64
C GLU D 96 -40.28 5.13 14.40
N LEU D 97 -39.29 4.93 15.26
CA LEU D 97 -38.37 3.77 15.20
C LEU D 97 -39.17 2.49 15.45
N GLN D 98 -40.10 2.52 16.40
CA GLN D 98 -40.94 1.34 16.66
C GLN D 98 -41.81 1.05 15.43
N GLY D 99 -42.34 2.09 14.78
CA GLY D 99 -43.16 1.97 13.56
C GLY D 99 -42.39 1.25 12.46
N VAL D 100 -41.15 1.66 12.23
CA VAL D 100 -40.29 1.07 11.15
C VAL D 100 -39.94 -0.38 11.51
N CYS D 101 -39.54 -0.65 12.77
CA CYS D 101 -39.21 -2.02 13.26
C CYS D 101 -40.42 -2.95 13.04
N ASP D 102 -41.64 -2.47 13.33
CA ASP D 102 -42.89 -3.26 13.16
C ASP D 102 -43.14 -3.54 11.66
N THR D 103 -42.86 -2.57 10.81
CA THR D 103 -42.98 -2.75 9.32
C THR D 103 -42.09 -3.94 8.85
N VAL D 104 -40.85 -3.98 9.32
CA VAL D 104 -39.83 -4.97 8.90
C VAL D 104 -40.19 -6.36 9.47
N LEU D 105 -40.61 -6.42 10.75
CA LEU D 105 -41.06 -7.68 11.38
C LEU D 105 -42.33 -8.19 10.69
N GLY D 106 -43.25 -7.28 10.37
CA GLY D 106 -44.44 -7.61 9.58
C GLY D 106 -44.05 -8.19 8.23
N LEU D 107 -43.09 -7.61 7.50
CA LEU D 107 -42.61 -8.20 6.21
C LEU D 107 -41.96 -9.56 6.42
N LEU D 108 -41.13 -9.73 7.46
CA LEU D 108 -40.45 -11.00 7.71
C LEU D 108 -41.49 -12.10 7.96
N ASP D 109 -42.46 -11.87 8.85
N ASP D 109 -42.47 -11.86 8.88
CA ASP D 109 -43.43 -12.93 9.28
CA ASP D 109 -43.48 -12.88 9.33
C ASP D 109 -44.46 -13.16 8.17
C ASP D 109 -44.46 -13.15 8.18
N SER D 110 -44.85 -12.10 7.47
CA SER D 110 -45.89 -12.14 6.40
C SER D 110 -45.37 -12.78 5.13
N HIS D 111 -44.14 -12.45 4.68
CA HIS D 111 -43.69 -12.71 3.29
C HIS D 111 -42.38 -13.50 3.19
N LEU D 112 -41.42 -13.33 4.10
CA LEU D 112 -40.01 -13.70 3.83
C LEU D 112 -39.60 -14.95 4.62
N ILE D 113 -39.99 -15.13 5.88
CA ILE D 113 -39.59 -16.31 6.70
C ILE D 113 -40.48 -17.51 6.33
N LYS D 114 -39.87 -18.62 5.91
CA LYS D 114 -40.53 -19.86 5.43
C LYS D 114 -39.74 -21.07 5.91
N GLU D 115 -40.33 -22.27 5.84
CA GLU D 115 -39.57 -23.54 6.06
C GLU D 115 -38.70 -23.85 4.83
N ALA D 116 -39.14 -23.47 3.63
CA ALA D 116 -38.44 -23.80 2.37
C ALA D 116 -37.41 -22.70 2.07
N GLY D 117 -36.59 -22.90 1.03
CA GLY D 117 -35.59 -21.93 0.56
C GLY D 117 -34.20 -22.27 1.10
N ASP D 118 -33.14 -21.69 0.55
CA ASP D 118 -31.75 -22.07 0.93
C ASP D 118 -31.54 -21.64 2.40
N ALA D 119 -30.53 -22.24 3.02
CA ALA D 119 -30.12 -22.04 4.43
C ALA D 119 -29.72 -20.58 4.59
N GLU D 120 -28.99 -20.04 3.60
CA GLU D 120 -28.48 -18.66 3.66
C GLU D 120 -29.66 -17.69 3.83
N SER D 121 -30.70 -17.86 3.05
CA SER D 121 -31.90 -17.02 3.16
C SER D 121 -32.61 -17.21 4.52
N ARG D 122 -32.79 -18.45 4.97
CA ARG D 122 -33.54 -18.76 6.20
C ARG D 122 -32.78 -18.19 7.40
N VAL D 123 -31.45 -18.31 7.43
CA VAL D 123 -30.61 -17.71 8.49
C VAL D 123 -30.66 -16.18 8.40
N PHE D 124 -30.47 -15.60 7.22
CA PHE D 124 -30.32 -14.14 7.02
C PHE D 124 -31.59 -13.53 7.59
N TYR D 125 -32.74 -14.12 7.29
CA TYR D 125 -34.06 -13.51 7.62
C TYR D 125 -34.32 -13.63 9.12
N LEU D 126 -34.00 -14.78 9.70
CA LEU D 126 -34.23 -15.04 11.14
C LEU D 126 -33.34 -14.09 11.92
N LYS D 127 -32.11 -13.87 11.47
CA LYS D 127 -31.13 -12.93 12.07
C LYS D 127 -31.68 -11.49 11.99
N MET D 128 -32.26 -11.06 10.86
CA MET D 128 -32.94 -9.74 10.71
C MET D 128 -34.04 -9.67 11.79
N LYS D 129 -34.84 -10.71 11.91
CA LYS D 129 -35.91 -10.71 12.92
C LYS D 129 -35.28 -10.45 14.29
N GLY D 130 -34.16 -11.11 14.59
CA GLY D 130 -33.42 -10.91 15.85
C GLY D 130 -32.94 -9.46 16.01
N ASP D 131 -32.36 -8.93 14.95
CA ASP D 131 -31.83 -7.55 14.94
C ASP D 131 -32.94 -6.53 15.26
N TYR D 132 -34.10 -6.65 14.61
CA TYR D 132 -35.19 -5.65 14.71
C TYR D 132 -35.86 -5.79 16.08
N TYR D 133 -35.96 -6.97 16.65
CA TYR D 133 -36.44 -7.13 18.04
C TYR D 133 -35.39 -6.58 18.97
N ARG D 134 -34.10 -6.77 18.67
CA ARG D 134 -33.00 -6.17 19.46
C ARG D 134 -33.22 -4.65 19.47
N TYR D 135 -33.51 -4.05 18.33
CA TYR D 135 -33.65 -2.58 18.22
C TYR D 135 -34.83 -2.14 19.12
N LEU D 136 -35.94 -2.88 19.11
CA LEU D 136 -37.15 -2.57 19.91
C LEU D 136 -36.81 -2.72 21.40
N ALA D 137 -35.98 -3.70 21.75
CA ALA D 137 -35.51 -3.95 23.14
C ALA D 137 -34.76 -2.73 23.69
N GLU D 138 -33.87 -2.14 22.91
CA GLU D 138 -33.07 -0.95 23.32
C GLU D 138 -33.98 0.18 23.86
N VAL D 139 -35.20 0.37 23.36
CA VAL D 139 -36.02 1.57 23.71
C VAL D 139 -37.18 1.18 24.65
N ALA D 140 -37.40 -0.10 24.90
CA ALA D 140 -38.56 -0.67 25.62
C ALA D 140 -38.30 -0.73 27.13
N THR D 141 -39.39 -0.93 27.89
CA THR D 141 -39.46 -0.98 29.39
C THR D 141 -40.39 -2.12 29.86
N GLY D 142 -40.22 -2.55 31.11
CA GLY D 142 -41.16 -3.43 31.82
C GLY D 142 -41.49 -4.71 31.08
N ASP D 143 -42.78 -5.07 31.10
CA ASP D 143 -43.33 -6.33 30.52
C ASP D 143 -43.07 -6.41 29.00
N ASP D 144 -43.27 -5.31 28.30
CA ASP D 144 -43.05 -5.28 26.84
C ASP D 144 -41.59 -5.72 26.60
N LYS D 145 -40.65 -5.20 27.40
CA LYS D 145 -39.19 -5.40 27.20
C LYS D 145 -38.88 -6.89 27.38
N LYS D 146 -39.53 -7.55 28.30
CA LYS D 146 -39.25 -8.98 28.61
C LYS D 146 -39.64 -9.83 27.40
N ARG D 147 -40.85 -9.59 26.86
CA ARG D 147 -41.39 -10.39 25.73
C ARG D 147 -40.48 -10.17 24.51
N ILE D 148 -40.05 -8.91 24.30
CA ILE D 148 -39.21 -8.49 23.12
C ILE D 148 -37.83 -9.18 23.18
N ILE D 149 -37.18 -9.18 24.35
CA ILE D 149 -35.88 -9.86 24.54
C ILE D 149 -36.06 -11.37 24.30
N ASP D 150 -37.13 -12.00 24.78
CA ASP D 150 -37.40 -13.44 24.55
C ASP D 150 -37.59 -13.65 23.04
N SER D 151 -38.26 -12.72 22.34
CA SER D 151 -38.53 -12.82 20.88
C SER D 151 -37.21 -12.73 20.09
N ALA D 152 -36.29 -11.85 20.49
CA ALA D 152 -34.94 -11.75 19.89
C ALA D 152 -34.12 -13.04 20.08
N ARG D 153 -33.87 -13.45 21.33
CA ARG D 153 -33.06 -14.65 21.63
C ARG D 153 -33.59 -15.82 20.80
N SER D 154 -34.89 -15.97 20.74
CA SER D 154 -35.61 -17.09 20.09
C SER D 154 -35.36 -17.07 18.58
N ALA D 155 -35.46 -15.92 17.94
CA ALA D 155 -35.15 -15.78 16.50
C ALA D 155 -33.66 -16.07 16.26
N TYR D 156 -32.77 -15.40 17.00
CA TYR D 156 -31.30 -15.62 16.92
C TYR D 156 -31.01 -17.12 17.07
N GLN D 157 -31.63 -17.78 18.04
CA GLN D 157 -31.35 -19.20 18.42
C GLN D 157 -31.74 -20.13 17.26
N GLU D 158 -32.86 -19.85 16.62
CA GLU D 158 -33.36 -20.63 15.48
C GLU D 158 -32.35 -20.53 14.33
N ALA D 159 -31.90 -19.29 14.04
CA ALA D 159 -30.87 -18.94 13.03
C ALA D 159 -29.58 -19.71 13.34
N MET D 160 -29.18 -19.78 14.60
CA MET D 160 -27.91 -20.42 15.01
C MET D 160 -28.04 -21.94 14.78
N ASP D 161 -29.17 -22.55 15.14
CA ASP D 161 -29.41 -24.01 14.92
C ASP D 161 -29.34 -24.31 13.41
N ILE D 162 -29.96 -23.51 12.54
CA ILE D 162 -29.88 -23.70 11.06
C ILE D 162 -28.42 -23.55 10.55
N SER D 163 -27.70 -22.54 10.98
CA SER D 163 -26.34 -22.26 10.49
C SER D 163 -25.32 -23.31 10.99
N LYS D 164 -25.45 -23.82 12.23
CA LYS D 164 -24.58 -24.91 12.76
C LYS D 164 -24.82 -26.21 11.98
N LYS D 165 -26.04 -26.41 11.49
CA LYS D 165 -26.41 -27.65 10.79
C LYS D 165 -26.03 -27.57 9.31
N GLU D 166 -26.15 -26.41 8.66
CA GLU D 166 -26.22 -26.28 7.18
C GLU D 166 -25.13 -25.39 6.56
N MET D 167 -24.25 -24.77 7.37
CA MET D 167 -23.23 -23.84 6.85
C MET D 167 -21.90 -24.10 7.55
N PRO D 168 -20.77 -23.93 6.83
CA PRO D 168 -19.47 -24.10 7.44
C PRO D 168 -19.18 -22.97 8.42
N PRO D 169 -18.26 -23.22 9.41
CA PRO D 169 -17.96 -22.27 10.47
C PRO D 169 -17.40 -20.93 9.97
N THR D 170 -16.95 -20.91 8.71
CA THR D 170 -16.31 -19.73 8.07
C THR D 170 -17.33 -18.90 7.28
N ASN D 171 -18.59 -19.29 7.23
CA ASN D 171 -19.60 -18.69 6.34
C ASN D 171 -19.91 -17.29 6.85
N PRO D 172 -19.85 -16.23 6.00
CA PRO D 172 -19.99 -14.85 6.51
C PRO D 172 -21.36 -14.58 7.16
N ILE D 173 -22.39 -15.29 6.73
CA ILE D 173 -23.74 -15.02 7.29
C ILE D 173 -23.77 -15.63 8.70
N ARG D 174 -23.27 -16.85 8.84
CA ARG D 174 -23.09 -17.51 10.15
C ARG D 174 -22.23 -16.66 11.12
N LEU D 175 -21.09 -16.12 10.69
CA LEU D 175 -20.20 -15.29 11.53
C LEU D 175 -20.93 -14.01 11.93
N GLY D 176 -21.60 -13.32 11.01
CA GLY D 176 -22.39 -12.09 11.27
C GLY D 176 -23.56 -12.33 12.23
N LEU D 177 -24.24 -13.48 12.11
CA LEU D 177 -25.28 -13.94 13.08
C LEU D 177 -24.67 -14.08 14.49
N ALA D 178 -23.54 -14.77 14.61
CA ALA D 178 -22.81 -14.94 15.89
C ALA D 178 -22.42 -13.55 16.45
N LEU D 179 -21.79 -12.68 15.66
CA LEU D 179 -21.33 -11.33 16.09
C LEU D 179 -22.52 -10.56 16.71
N ASN D 180 -23.62 -10.42 15.96
CA ASN D 180 -24.84 -9.69 16.39
C ASN D 180 -25.48 -10.39 17.61
N PHE D 181 -25.58 -11.73 17.64
CA PHE D 181 -26.18 -12.44 18.76
C PHE D 181 -25.32 -12.15 20.01
N SER D 182 -23.99 -12.14 19.84
CA SER D 182 -23.04 -11.96 20.96
C SER D 182 -23.21 -10.53 21.50
N VAL D 183 -23.40 -9.54 20.64
CA VAL D 183 -23.67 -8.13 21.07
C VAL D 183 -25.05 -8.02 21.77
N PHE D 184 -26.05 -8.79 21.35
CA PHE D 184 -27.36 -8.90 22.03
C PHE D 184 -27.11 -9.29 23.49
N HIS D 185 -26.38 -10.39 23.70
CA HIS D 185 -26.01 -10.91 25.03
C HIS D 185 -25.37 -9.78 25.84
N TYR D 186 -24.45 -9.04 25.22
CA TYR D 186 -23.64 -8.06 25.97
C TYR D 186 -24.49 -6.82 26.32
N GLU D 187 -25.12 -6.21 25.32
CA GLU D 187 -25.69 -4.85 25.48
C GLU D 187 -27.15 -4.94 25.94
N ILE D 188 -27.84 -6.05 25.69
CA ILE D 188 -29.34 -6.17 25.87
C ILE D 188 -29.68 -7.15 27.02
N ALA D 189 -29.22 -8.40 26.95
CA ALA D 189 -29.63 -9.48 27.86
C ALA D 189 -28.74 -9.48 29.14
N ASN D 190 -27.79 -8.54 29.29
CA ASN D 190 -26.96 -8.38 30.51
C ASN D 190 -26.33 -9.72 30.88
N SER D 191 -25.71 -10.36 29.88
CA SER D 191 -25.03 -11.68 29.93
C SER D 191 -23.65 -11.57 29.29
N PRO D 192 -22.70 -10.78 29.86
CA PRO D 192 -21.32 -10.74 29.38
C PRO D 192 -20.76 -12.15 29.19
N GLU D 193 -21.11 -13.09 30.06
CA GLU D 193 -20.55 -14.48 30.02
C GLU D 193 -21.00 -15.14 28.70
N GLU D 194 -22.27 -15.10 28.37
CA GLU D 194 -22.75 -15.71 27.11
C GLU D 194 -22.15 -14.96 25.90
N ALA D 195 -21.94 -13.65 26.01
CA ALA D 195 -21.38 -12.81 24.93
C ALA D 195 -19.97 -13.26 24.59
N ILE D 196 -19.12 -13.34 25.60
CA ILE D 196 -17.68 -13.70 25.48
C ILE D 196 -17.58 -15.16 25.01
N SER D 197 -18.42 -16.02 25.53
CA SER D 197 -18.36 -17.47 25.22
C SER D 197 -18.75 -17.72 23.76
N LEU D 198 -19.77 -17.01 23.23
CA LEU D 198 -20.23 -17.19 21.84
C LEU D 198 -19.18 -16.65 20.87
N ALA D 199 -18.65 -15.45 21.14
CA ALA D 199 -17.64 -14.78 20.29
C ALA D 199 -16.40 -15.68 20.22
N LYS D 200 -15.98 -16.24 21.37
CA LYS D 200 -14.75 -17.07 21.41
C LYS D 200 -14.95 -18.42 20.67
N THR D 201 -16.03 -19.15 20.94
CA THR D 201 -16.31 -20.45 20.26
C THR D 201 -16.58 -20.18 18.78
N THR D 202 -17.10 -19.01 18.40
CA THR D 202 -17.34 -18.68 16.97
C THR D 202 -15.98 -18.54 16.27
N PHE D 203 -15.10 -17.70 16.83
CA PHE D 203 -13.76 -17.40 16.28
C PHE D 203 -12.94 -18.71 16.14
N ASP D 204 -12.91 -19.51 17.21
CA ASP D 204 -12.00 -20.67 17.39
C ASP D 204 -12.46 -21.78 16.44
N GLU D 205 -13.76 -21.92 16.23
CA GLU D 205 -14.34 -22.98 15.40
C GLU D 205 -14.03 -22.68 13.92
N ALA D 206 -13.95 -21.39 13.55
CA ALA D 206 -13.63 -20.93 12.18
C ALA D 206 -12.15 -21.20 11.89
N MET D 207 -11.28 -20.90 12.86
CA MET D 207 -9.81 -21.21 12.80
C MET D 207 -9.56 -22.73 12.70
N ALA D 208 -10.26 -23.55 13.45
CA ALA D 208 -10.06 -25.03 13.49
C ALA D 208 -10.57 -25.63 12.20
N ASP D 209 -11.50 -24.95 11.51
CA ASP D 209 -12.06 -25.43 10.21
C ASP D 209 -11.73 -24.42 9.12
N LEU D 210 -10.50 -23.88 9.13
CA LEU D 210 -10.10 -22.78 8.22
C LEU D 210 -10.07 -23.28 6.77
N HIS D 211 -9.81 -24.57 6.58
CA HIS D 211 -9.74 -25.27 5.28
C HIS D 211 -11.06 -25.06 4.54
N THR D 212 -12.17 -24.73 5.24
CA THR D 212 -13.51 -24.56 4.62
C THR D 212 -13.68 -23.16 4.04
N LEU D 213 -12.74 -22.22 4.27
CA LEU D 213 -12.90 -20.77 3.94
C LEU D 213 -12.86 -20.62 2.44
N SER D 214 -13.93 -20.13 1.83
CA SER D 214 -14.04 -20.08 0.35
C SER D 214 -13.47 -18.75 -0.17
N GLU D 215 -12.98 -18.79 -1.43
CA GLU D 215 -12.65 -17.63 -2.30
C GLU D 215 -13.70 -16.53 -2.12
N ASP D 216 -14.98 -16.91 -2.22
CA ASP D 216 -16.15 -16.00 -2.25
C ASP D 216 -16.41 -15.35 -0.87
N SER D 217 -15.85 -15.87 0.24
CA SER D 217 -16.13 -15.33 1.60
C SER D 217 -14.86 -14.77 2.25
N TYR D 218 -13.69 -15.02 1.65
CA TYR D 218 -12.35 -14.67 2.22
C TYR D 218 -12.42 -13.24 2.77
N LYS D 219 -12.88 -12.29 1.96
CA LYS D 219 -12.92 -10.85 2.34
C LYS D 219 -13.89 -10.52 3.48
N ASP D 220 -15.14 -10.95 3.36
CA ASP D 220 -16.24 -10.65 4.31
C ASP D 220 -16.00 -11.42 5.63
N SER D 221 -15.73 -12.72 5.56
CA SER D 221 -15.47 -13.54 6.76
C SER D 221 -14.23 -13.00 7.49
N THR D 222 -13.23 -12.50 6.80
CA THR D 222 -12.02 -12.05 7.54
C THR D 222 -12.32 -10.75 8.31
N LEU D 223 -13.10 -9.82 7.71
N LEU D 223 -13.12 -9.84 7.73
CA LEU D 223 -13.57 -8.58 8.40
CA LEU D 223 -13.49 -8.62 8.46
C LEU D 223 -14.39 -8.98 9.63
C LEU D 223 -14.39 -9.00 9.64
N ILE D 224 -15.32 -9.93 9.47
CA ILE D 224 -16.24 -10.31 10.58
C ILE D 224 -15.46 -10.97 11.70
N MET D 225 -14.43 -11.74 11.38
CA MET D 225 -13.55 -12.41 12.36
C MET D 225 -12.78 -11.32 13.14
N GLN D 226 -12.43 -10.22 12.50
N GLN D 226 -12.43 -10.21 12.50
CA GLN D 226 -11.70 -9.14 13.20
CA GLN D 226 -11.68 -9.12 13.18
C GLN D 226 -12.63 -8.48 14.20
C GLN D 226 -12.62 -8.46 14.20
N LEU D 227 -13.89 -8.25 13.82
CA LEU D 227 -14.87 -7.65 14.75
C LEU D 227 -15.12 -8.60 15.95
N LEU D 228 -15.23 -9.91 15.72
CA LEU D 228 -15.33 -10.90 16.81
C LEU D 228 -14.16 -10.73 17.81
N ARG D 229 -12.93 -10.67 17.30
N ARG D 229 -12.92 -10.65 17.29
CA ARG D 229 -11.72 -10.58 18.17
CA ARG D 229 -11.65 -10.53 18.07
C ARG D 229 -11.67 -9.20 18.84
C ARG D 229 -11.66 -9.20 18.82
N ASP D 230 -12.01 -8.11 18.14
CA ASP D 230 -11.98 -6.75 18.75
C ASP D 230 -12.88 -6.69 19.99
N ASN D 231 -14.08 -7.27 19.89
CA ASN D 231 -15.06 -7.38 21.00
C ASN D 231 -14.44 -8.21 22.13
N LEU D 232 -13.84 -9.37 21.85
CA LEU D 232 -13.24 -10.22 22.89
C LEU D 232 -12.21 -9.43 23.69
N THR D 233 -11.52 -8.51 23.03
CA THR D 233 -10.43 -7.66 23.60
C THR D 233 -11.07 -6.56 24.46
N LEU D 234 -12.27 -6.10 24.11
CA LEU D 234 -13.00 -5.03 24.83
C LEU D 234 -13.63 -5.61 26.10
N TRP D 235 -14.03 -6.89 26.05
CA TRP D 235 -14.78 -7.60 27.12
C TRP D 235 -13.85 -8.36 28.09
N THR D 236 -12.69 -8.80 27.61
N THR D 236 -12.63 -8.68 27.66
CA THR D 236 -11.80 -9.77 28.31
CA THR D 236 -11.53 -9.19 28.50
C THR D 236 -10.73 -8.96 29.06
C THR D 236 -10.42 -8.14 28.54
N GLY E 1 28.93 -3.94 -25.33
CA GLY E 1 29.68 -2.66 -25.07
C GLY E 1 30.27 -2.07 -26.33
N ALA E 2 31.32 -1.27 -26.19
CA ALA E 2 31.87 -0.36 -27.22
C ALA E 2 32.42 -1.11 -28.43
N MET E 3 32.67 -2.44 -28.33
CA MET E 3 33.34 -3.28 -29.37
C MET E 3 32.31 -4.16 -30.08
N GLY E 4 31.02 -3.99 -29.74
CA GLY E 4 29.94 -4.88 -30.24
C GLY E 4 29.73 -4.71 -31.72
N SER E 5 30.02 -3.54 -32.29
CA SER E 5 29.83 -3.24 -33.74
C SER E 5 31.07 -3.66 -34.57
N MET E 6 32.18 -4.07 -33.95
CA MET E 6 33.43 -4.45 -34.67
C MET E 6 33.56 -5.97 -34.88
N GLU E 7 34.04 -6.36 -36.07
CA GLU E 7 34.26 -7.78 -36.48
C GLU E 7 35.28 -8.42 -35.53
N ARG E 8 35.05 -9.68 -35.18
CA ARG E 8 35.98 -10.52 -34.40
C ARG E 8 37.40 -10.42 -34.97
N ALA E 9 37.61 -10.75 -36.25
CA ALA E 9 38.94 -10.73 -36.86
C ALA E 9 39.55 -9.31 -36.78
N SER E 10 38.77 -8.25 -36.90
CA SER E 10 39.26 -6.85 -36.74
C SER E 10 39.73 -6.58 -35.28
N LEU E 11 39.02 -7.12 -34.28
CA LEU E 11 39.40 -6.92 -32.86
C LEU E 11 40.71 -7.63 -32.54
N ILE E 12 40.87 -8.90 -32.96
CA ILE E 12 42.16 -9.65 -32.85
C ILE E 12 43.26 -8.77 -33.49
N GLN E 13 43.07 -8.32 -34.73
CA GLN E 13 44.09 -7.57 -35.50
C GLN E 13 44.54 -6.31 -34.73
N LYS E 14 43.60 -5.57 -34.12
CA LYS E 14 43.89 -4.29 -33.46
C LYS E 14 44.52 -4.52 -32.08
N ALA E 15 44.24 -5.68 -31.49
CA ALA E 15 44.89 -6.15 -30.24
C ALA E 15 46.39 -6.31 -30.53
N LYS E 16 46.73 -6.92 -31.67
CA LYS E 16 48.15 -7.08 -32.11
C LYS E 16 48.82 -5.72 -32.37
N LEU E 17 48.15 -4.81 -33.08
CA LEU E 17 48.62 -3.42 -33.30
C LEU E 17 48.87 -2.79 -31.92
N ALA E 18 47.91 -2.91 -31.01
CA ALA E 18 48.00 -2.27 -29.67
C ALA E 18 49.25 -2.78 -28.94
N GLU E 19 49.52 -4.11 -29.00
CA GLU E 19 50.71 -4.79 -28.39
C GLU E 19 51.97 -4.15 -28.94
N GLN E 20 52.09 -4.05 -30.26
CA GLN E 20 53.27 -3.48 -30.96
C GLN E 20 53.53 -2.06 -30.49
N ALA E 21 52.48 -1.34 -30.08
CA ALA E 21 52.55 0.09 -29.70
C ALA E 21 52.62 0.20 -28.18
N GLU E 22 52.50 -0.93 -27.48
CA GLU E 22 52.61 -1.04 -26.01
C GLU E 22 51.45 -0.27 -25.36
N ARG E 23 50.26 -0.36 -25.92
CA ARG E 23 48.99 0.22 -25.42
C ARG E 23 48.13 -0.91 -24.83
N TYR E 24 48.59 -1.47 -23.73
CA TYR E 24 48.02 -2.70 -23.10
C TYR E 24 46.54 -2.57 -22.71
N GLU E 25 46.10 -1.39 -22.27
CA GLU E 25 44.69 -1.13 -21.93
C GLU E 25 43.80 -1.29 -23.17
N ASP E 26 44.18 -0.67 -24.29
CA ASP E 26 43.53 -0.86 -25.61
C ASP E 26 43.55 -2.36 -25.96
N MET E 27 44.72 -2.98 -25.90
CA MET E 27 44.90 -4.41 -26.26
C MET E 27 43.90 -5.28 -25.46
N ALA E 28 43.71 -4.96 -24.19
CA ALA E 28 42.81 -5.75 -23.32
C ALA E 28 41.37 -5.51 -23.72
N ALA E 29 41.01 -4.24 -23.99
CA ALA E 29 39.66 -3.82 -24.41
C ALA E 29 39.29 -4.55 -25.70
N PHE E 30 40.24 -4.65 -26.64
CA PHE E 30 40.01 -5.29 -27.94
C PHE E 30 39.79 -6.80 -27.73
N MET E 31 40.64 -7.45 -26.94
CA MET E 31 40.53 -8.92 -26.62
C MET E 31 39.25 -9.21 -25.83
N LYS E 32 38.84 -8.33 -24.92
CA LYS E 32 37.52 -8.47 -24.23
C LYS E 32 36.38 -8.46 -25.27
N GLY E 33 36.40 -7.51 -26.21
CA GLY E 33 35.43 -7.52 -27.33
C GLY E 33 35.44 -8.85 -28.08
N ALA E 34 36.59 -9.45 -28.27
CA ALA E 34 36.73 -10.65 -29.11
C ALA E 34 36.06 -11.85 -28.39
N VAL E 35 36.45 -12.06 -27.13
CA VAL E 35 35.79 -13.00 -26.16
C VAL E 35 34.26 -12.85 -26.23
N GLU E 36 33.74 -11.63 -26.17
CA GLU E 36 32.29 -11.34 -26.08
C GLU E 36 31.57 -11.72 -27.37
N LYS E 37 32.26 -12.14 -28.42
CA LYS E 37 31.57 -12.65 -29.65
C LYS E 37 30.99 -14.03 -29.34
N GLY E 38 31.47 -14.66 -28.25
CA GLY E 38 30.98 -15.95 -27.75
C GLY E 38 31.67 -17.15 -28.37
N GLU E 39 32.76 -17.01 -29.14
CA GLU E 39 33.52 -18.16 -29.72
C GLU E 39 34.78 -18.44 -28.91
N GLU E 40 35.15 -19.72 -28.83
CA GLU E 40 36.42 -20.21 -28.24
C GLU E 40 37.60 -19.35 -28.73
N LEU E 41 38.55 -19.10 -27.85
CA LEU E 41 39.83 -18.47 -28.26
C LEU E 41 40.76 -19.59 -28.72
N SER E 42 41.55 -19.37 -29.78
CA SER E 42 42.70 -20.25 -30.14
C SER E 42 43.78 -20.08 -29.06
N CSO E 43 44.84 -20.86 -29.15
CA CSO E 43 45.94 -20.74 -28.18
CB CSO E 43 46.95 -21.84 -28.45
SG CSO E 43 48.48 -21.79 -27.47
C CSO E 43 46.58 -19.36 -28.30
O CSO E 43 46.90 -18.77 -27.29
OD CSO E 43 49.78 -21.19 -28.26
N GLU E 44 46.72 -18.87 -29.52
CA GLU E 44 47.33 -17.58 -29.80
C GLU E 44 46.48 -16.44 -29.16
N GLU E 45 45.16 -16.48 -29.36
CA GLU E 45 44.19 -15.46 -28.88
C GLU E 45 44.19 -15.46 -27.35
N ARG E 46 44.18 -16.65 -26.78
CA ARG E 46 44.22 -16.84 -25.32
C ARG E 46 45.45 -16.12 -24.78
N ASN E 47 46.60 -16.27 -25.43
CA ASN E 47 47.89 -15.67 -24.97
C ASN E 47 47.78 -14.15 -25.10
N LEU E 48 47.11 -13.65 -26.11
CA LEU E 48 46.98 -12.20 -26.29
C LEU E 48 46.13 -11.65 -25.13
N LEU E 49 45.01 -12.29 -24.77
CA LEU E 49 44.12 -11.84 -23.66
C LEU E 49 44.94 -11.82 -22.37
N SER E 50 45.71 -12.88 -22.15
CA SER E 50 46.57 -13.02 -20.95
C SER E 50 47.66 -11.94 -20.92
N VAL E 51 48.41 -11.77 -22.00
CA VAL E 51 49.53 -10.76 -22.05
C VAL E 51 48.98 -9.34 -21.75
N ALA E 52 47.81 -9.03 -22.31
CA ALA E 52 47.17 -7.71 -22.28
C ALA E 52 46.83 -7.39 -20.82
N TYR E 53 46.08 -8.28 -20.14
CA TYR E 53 45.53 -8.05 -18.78
C TYR E 53 46.66 -8.17 -17.74
N LYS E 54 47.65 -9.02 -18.01
CA LYS E 54 48.85 -9.19 -17.16
C LYS E 54 49.63 -7.86 -17.11
N ASN E 55 49.79 -7.19 -18.26
CA ASN E 55 50.49 -5.85 -18.31
C ASN E 55 49.67 -4.76 -17.58
N VAL E 56 48.35 -4.71 -17.72
CA VAL E 56 47.52 -3.66 -17.09
C VAL E 56 47.56 -3.83 -15.57
N VAL E 57 47.24 -5.02 -15.03
CA VAL E 57 47.25 -5.21 -13.54
C VAL E 57 48.69 -5.13 -13.04
N GLY E 58 49.67 -5.50 -13.87
CA GLY E 58 51.08 -5.53 -13.44
C GLY E 58 51.54 -4.14 -13.10
N GLY E 59 51.11 -3.15 -13.91
CA GLY E 59 51.40 -1.72 -13.74
C GLY E 59 50.73 -1.22 -12.48
N GLN E 60 49.48 -1.62 -12.28
CA GLN E 60 48.67 -1.16 -11.15
C GLN E 60 49.19 -1.79 -9.84
N ARG E 61 49.53 -3.09 -9.83
CA ARG E 61 50.08 -3.74 -8.61
C ARG E 61 51.37 -3.02 -8.23
N ALA E 62 52.25 -2.80 -9.18
CA ALA E 62 53.52 -2.09 -8.97
C ALA E 62 53.26 -0.69 -8.39
N ALA E 63 52.27 0.06 -8.88
CA ALA E 63 51.91 1.41 -8.37
C ALA E 63 51.32 1.34 -6.94
N TRP E 64 50.52 0.30 -6.70
CA TRP E 64 49.94 0.10 -5.35
C TRP E 64 51.07 -0.15 -4.34
N ARG E 65 52.06 -0.94 -4.73
CA ARG E 65 53.21 -1.26 -3.85
C ARG E 65 53.97 0.01 -3.50
N VAL E 66 54.27 0.84 -4.49
CA VAL E 66 54.97 2.15 -4.24
C VAL E 66 54.18 2.99 -3.21
N LEU E 67 52.87 3.13 -3.38
CA LEU E 67 52.02 3.99 -2.51
C LEU E 67 51.87 3.36 -1.13
N SER E 68 51.64 2.05 -1.10
CA SER E 68 51.48 1.25 0.15
C SER E 68 52.76 1.33 0.99
N SER E 69 53.92 1.40 0.33
CA SER E 69 55.25 1.59 0.93
C SER E 69 55.42 3.04 1.40
N ILE E 70 55.00 4.04 0.63
CA ILE E 70 55.11 5.45 1.09
C ILE E 70 54.17 5.64 2.29
N GLU E 71 53.07 4.87 2.36
CA GLU E 71 52.05 4.92 3.44
C GLU E 71 52.68 4.43 4.76
N GLN E 72 53.46 3.35 4.70
CA GLN E 72 54.28 2.77 5.82
C GLN E 72 55.17 3.81 6.49
N LYS E 73 55.96 4.56 5.71
CA LYS E 73 56.88 5.62 6.23
C LYS E 73 56.08 6.74 6.92
N SER E 74 54.74 6.77 6.76
CA SER E 74 53.79 7.35 7.75
C SER E 74 53.64 6.37 8.94
N ASN E 75 54.75 6.12 9.66
CA ASN E 75 54.84 5.47 11.01
C ASN E 75 55.40 6.49 12.02
N GLU E 76 55.54 7.76 11.61
CA GLU E 76 55.91 8.92 12.49
C GLU E 76 54.77 9.96 12.45
N LYS E 82 50.73 13.98 9.41
CA LYS E 82 50.78 12.76 8.55
C LYS E 82 49.91 12.97 7.29
N GLY E 83 48.65 13.41 7.46
CA GLY E 83 47.72 13.78 6.39
C GLY E 83 47.04 12.56 5.78
N PRO E 84 45.78 12.68 5.32
CA PRO E 84 45.09 11.56 4.66
C PRO E 84 45.45 11.31 3.19
N GLU E 85 46.35 12.09 2.60
CA GLU E 85 46.48 12.15 1.13
C GLU E 85 47.02 10.83 0.56
N VAL E 86 48.06 10.29 1.17
CA VAL E 86 48.67 8.99 0.74
C VAL E 86 47.60 7.89 0.73
N ARG E 87 46.83 7.80 1.83
CA ARG E 87 45.81 6.72 2.07
C ARG E 87 44.77 6.87 0.96
N GLU E 88 44.32 8.10 0.71
CA GLU E 88 43.26 8.38 -0.31
C GLU E 88 43.74 7.93 -1.69
N TYR E 89 45.00 8.25 -2.05
CA TYR E 89 45.48 8.00 -3.42
C TYR E 89 45.70 6.49 -3.58
N ARG E 90 46.24 5.85 -2.56
CA ARG E 90 46.46 4.40 -2.53
C ARG E 90 45.09 3.75 -2.71
N GLU E 91 44.02 4.29 -2.09
CA GLU E 91 42.64 3.74 -2.20
C GLU E 91 42.14 3.84 -3.63
N LYS E 92 42.37 5.00 -4.27
CA LYS E 92 41.98 5.26 -5.67
C LYS E 92 42.63 4.22 -6.57
N VAL E 93 43.96 4.02 -6.49
CA VAL E 93 44.69 2.98 -7.30
C VAL E 93 44.19 1.54 -6.96
N GLU E 94 44.02 1.26 -5.69
CA GLU E 94 43.45 -0.02 -5.21
C GLU E 94 42.16 -0.33 -5.97
N THR E 95 41.19 0.61 -5.97
CA THR E 95 39.83 0.45 -6.54
C THR E 95 39.95 0.19 -8.04
N GLU E 96 40.88 0.84 -8.73
CA GLU E 96 41.08 0.65 -10.20
C GLU E 96 41.60 -0.77 -10.48
N LEU E 97 42.58 -1.22 -9.67
CA LEU E 97 43.16 -2.59 -9.70
C LEU E 97 42.03 -3.61 -9.54
N GLN E 98 41.16 -3.40 -8.56
CA GLN E 98 40.07 -4.34 -8.24
C GLN E 98 39.10 -4.35 -9.40
N GLY E 99 38.77 -3.17 -9.92
CA GLY E 99 37.99 -3.04 -11.18
C GLY E 99 38.48 -3.97 -12.30
N VAL E 100 39.79 -3.94 -12.59
CA VAL E 100 40.39 -4.71 -13.72
C VAL E 100 40.30 -6.22 -13.38
N CYS E 101 40.62 -6.59 -12.14
CA CYS E 101 40.54 -8.00 -11.70
C CYS E 101 39.11 -8.54 -11.92
N ASP E 102 38.11 -7.75 -11.52
CA ASP E 102 36.67 -8.11 -11.61
C ASP E 102 36.33 -8.31 -13.08
N THR E 103 36.80 -7.41 -13.96
CA THR E 103 36.55 -7.49 -15.44
C THR E 103 37.05 -8.83 -16.02
N VAL E 104 38.24 -9.26 -15.61
CA VAL E 104 38.88 -10.51 -16.09
C VAL E 104 38.13 -11.74 -15.52
N LEU E 105 37.82 -11.77 -14.21
CA LEU E 105 37.03 -12.86 -13.57
C LEU E 105 35.62 -12.88 -14.17
N GLY E 106 35.10 -11.72 -14.52
CA GLY E 106 33.82 -11.65 -15.25
C GLY E 106 33.90 -12.41 -16.55
N LEU E 107 34.97 -12.19 -17.31
CA LEU E 107 35.14 -12.87 -18.61
C LEU E 107 35.34 -14.37 -18.37
N LEU E 108 36.12 -14.76 -17.37
CA LEU E 108 36.43 -16.18 -17.19
C LEU E 108 35.14 -16.94 -16.84
N ASP E 109 34.35 -16.43 -15.88
N ASP E 109 34.34 -16.42 -15.88
CA ASP E 109 33.07 -17.05 -15.39
CA ASP E 109 33.04 -16.98 -15.37
C ASP E 109 32.00 -16.99 -16.50
C ASP E 109 31.98 -16.96 -16.48
N SER E 110 31.85 -15.84 -17.20
CA SER E 110 30.79 -15.61 -18.22
C SER E 110 31.07 -16.36 -19.54
N HIS E 111 32.31 -16.34 -20.03
CA HIS E 111 32.63 -16.72 -21.44
C HIS E 111 33.60 -17.90 -21.54
N LEU E 112 34.66 -17.97 -20.72
CA LEU E 112 35.87 -18.79 -21.06
C LEU E 112 35.94 -20.13 -20.33
N ILE E 113 35.44 -20.25 -19.08
CA ILE E 113 35.54 -21.48 -18.25
C ILE E 113 34.39 -22.39 -18.63
N LYS E 114 34.68 -23.58 -19.11
CA LYS E 114 33.70 -24.55 -19.67
C LYS E 114 34.10 -25.95 -19.20
N GLU E 115 33.16 -26.90 -19.21
CA GLU E 115 33.39 -28.37 -19.02
C GLU E 115 34.02 -28.92 -20.31
N ALA E 116 33.64 -28.34 -21.45
CA ALA E 116 34.12 -28.73 -22.81
C ALA E 116 35.53 -28.17 -23.05
N GLY E 117 36.23 -28.70 -24.06
CA GLY E 117 37.53 -28.19 -24.55
C GLY E 117 38.65 -29.07 -24.08
N ASP E 118 39.84 -28.89 -24.65
CA ASP E 118 41.06 -29.67 -24.29
C ASP E 118 41.47 -29.29 -22.87
N ALA E 119 42.32 -30.13 -22.27
CA ALA E 119 42.81 -29.96 -20.88
C ALA E 119 43.60 -28.64 -20.79
N GLU E 120 44.40 -28.33 -21.82
CA GLU E 120 45.28 -27.13 -21.84
C GLU E 120 44.41 -25.89 -21.66
N SER E 121 43.30 -25.77 -22.39
CA SER E 121 42.41 -24.59 -22.34
C SER E 121 41.75 -24.52 -20.95
N ARG E 122 41.22 -25.62 -20.45
CA ARG E 122 40.51 -25.66 -19.15
C ARG E 122 41.49 -25.28 -18.02
N VAL E 123 42.74 -25.76 -18.06
CA VAL E 123 43.76 -25.45 -17.01
C VAL E 123 44.21 -23.99 -17.16
N PHE E 124 44.39 -23.53 -18.37
CA PHE E 124 44.91 -22.16 -18.60
C PHE E 124 43.93 -21.19 -17.90
N TYR E 125 42.64 -21.39 -18.14
CA TYR E 125 41.56 -20.48 -17.67
C TYR E 125 41.38 -20.61 -16.14
N LEU E 126 41.47 -21.83 -15.61
CA LEU E 126 41.34 -22.03 -14.13
C LEU E 126 42.54 -21.40 -13.40
N LYS E 127 43.73 -21.49 -13.99
CA LYS E 127 44.97 -20.86 -13.45
C LYS E 127 44.85 -19.33 -13.44
N MET E 128 44.36 -18.75 -14.53
CA MET E 128 44.12 -17.28 -14.61
C MET E 128 43.13 -16.89 -13.51
N LYS E 129 42.06 -17.66 -13.30
CA LYS E 129 41.10 -17.39 -12.20
C LYS E 129 41.82 -17.32 -10.85
N GLY E 130 42.71 -18.27 -10.60
CA GLY E 130 43.58 -18.32 -9.41
C GLY E 130 44.44 -17.06 -9.30
N ASP E 131 45.14 -16.75 -10.39
CA ASP E 131 46.05 -15.57 -10.46
C ASP E 131 45.30 -14.25 -10.09
N TYR E 132 44.14 -14.00 -10.69
CA TYR E 132 43.37 -12.76 -10.49
C TYR E 132 42.78 -12.68 -9.08
N TYR E 133 42.36 -13.81 -8.53
CA TYR E 133 41.97 -13.86 -7.10
C TYR E 133 43.19 -13.64 -6.20
N ARG E 134 44.33 -14.15 -6.62
CA ARG E 134 45.58 -13.92 -5.86
C ARG E 134 45.80 -12.39 -5.79
N TYR E 135 45.66 -11.69 -6.91
CA TYR E 135 45.97 -10.25 -7.01
C TYR E 135 45.00 -9.48 -6.10
N LEU E 136 43.72 -9.85 -6.10
CA LEU E 136 42.71 -9.22 -5.22
C LEU E 136 43.05 -9.49 -3.76
N ALA E 137 43.54 -10.70 -3.43
CA ALA E 137 43.92 -11.12 -2.04
C ALA E 137 45.05 -10.22 -1.52
N GLU E 138 46.00 -9.82 -2.36
CA GLU E 138 47.16 -8.97 -2.01
C GLU E 138 46.77 -7.60 -1.46
N VAL E 139 45.60 -7.06 -1.81
CA VAL E 139 45.13 -5.72 -1.38
C VAL E 139 43.94 -5.85 -0.42
N ALA E 140 43.47 -7.06 -0.12
CA ALA E 140 42.21 -7.27 0.64
C ALA E 140 42.48 -7.39 2.16
N THR E 141 41.42 -7.18 2.97
CA THR E 141 41.46 -7.24 4.47
C THR E 141 40.23 -7.99 5.00
N GLY E 142 40.30 -8.45 6.26
CA GLY E 142 39.18 -9.09 7.00
C GLY E 142 38.50 -10.23 6.23
N ASP E 143 37.16 -10.22 6.27
CA ASP E 143 36.29 -11.35 5.83
C ASP E 143 36.32 -11.43 4.30
N ASP E 144 36.39 -10.28 3.64
CA ASP E 144 36.59 -10.22 2.17
C ASP E 144 37.83 -11.07 1.83
N LYS E 145 38.94 -10.82 2.51
CA LYS E 145 40.21 -11.52 2.24
C LYS E 145 40.05 -13.06 2.39
N LYS E 146 39.30 -13.54 3.37
CA LYS E 146 39.11 -15.02 3.54
C LYS E 146 38.39 -15.64 2.33
N ARG E 147 37.31 -15.04 1.83
CA ARG E 147 36.51 -15.55 0.69
C ARG E 147 37.41 -15.63 -0.54
N ILE E 148 38.25 -14.61 -0.72
CA ILE E 148 39.13 -14.41 -1.91
C ILE E 148 40.25 -15.46 -1.90
N ILE E 149 40.86 -15.70 -0.74
CA ILE E 149 41.91 -16.75 -0.59
C ILE E 149 41.25 -18.10 -0.85
N ASP E 150 40.06 -18.38 -0.33
CA ASP E 150 39.33 -19.65 -0.60
C ASP E 150 39.06 -19.77 -2.10
N SER E 151 38.60 -18.69 -2.70
CA SER E 151 38.24 -18.72 -4.12
C SER E 151 39.50 -19.12 -4.94
N ALA E 152 40.67 -18.55 -4.60
CA ALA E 152 41.95 -18.74 -5.34
C ALA E 152 42.37 -20.23 -5.23
N ARG E 153 42.50 -20.73 -4.01
CA ARG E 153 42.90 -22.13 -3.70
C ARG E 153 42.06 -23.06 -4.58
N SER E 154 40.76 -22.85 -4.54
CA SER E 154 39.72 -23.70 -5.11
C SER E 154 39.87 -23.76 -6.62
N ALA E 155 40.02 -22.61 -7.28
CA ALA E 155 40.38 -22.50 -8.70
C ALA E 155 41.73 -23.19 -9.03
N TYR E 156 42.84 -22.81 -8.40
CA TYR E 156 44.17 -23.46 -8.53
C TYR E 156 44.01 -24.97 -8.35
N GLN E 157 43.33 -25.41 -7.27
CA GLN E 157 43.18 -26.86 -6.96
C GLN E 157 42.46 -27.58 -8.12
N GLU E 158 41.41 -26.96 -8.67
CA GLU E 158 40.64 -27.55 -9.78
C GLU E 158 41.57 -27.72 -10.97
N ALA E 159 42.35 -26.71 -11.25
CA ALA E 159 43.37 -26.73 -12.33
C ALA E 159 44.38 -27.87 -12.09
N MET E 160 44.83 -28.05 -10.84
CA MET E 160 45.88 -29.03 -10.50
C MET E 160 45.32 -30.45 -10.73
N ASP E 161 44.06 -30.69 -10.33
CA ASP E 161 43.39 -32.00 -10.54
C ASP E 161 43.33 -32.30 -12.04
N ILE E 162 42.98 -31.32 -12.87
CA ILE E 162 42.92 -31.54 -14.34
C ILE E 162 44.34 -31.83 -14.87
N SER E 163 45.35 -31.08 -14.44
CA SER E 163 46.69 -31.16 -15.05
C SER E 163 47.36 -32.47 -14.61
N LYS E 164 47.16 -32.91 -13.37
CA LYS E 164 47.66 -34.24 -12.88
C LYS E 164 46.99 -35.41 -13.63
N LYS E 165 45.72 -35.28 -14.02
CA LYS E 165 44.94 -36.34 -14.70
C LYS E 165 45.23 -36.36 -16.22
N GLU E 166 45.44 -35.22 -16.86
CA GLU E 166 45.33 -35.09 -18.35
C GLU E 166 46.63 -34.62 -19.02
N MET E 167 47.66 -34.22 -18.27
CA MET E 167 48.90 -33.65 -18.87
C MET E 167 50.12 -34.32 -18.27
N PRO E 168 51.20 -34.48 -19.06
CA PRO E 168 52.45 -35.04 -18.55
C PRO E 168 53.13 -34.03 -17.62
N PRO E 169 54.00 -34.50 -16.69
CA PRO E 169 54.61 -33.64 -15.67
C PRO E 169 55.49 -32.51 -16.21
N THR E 170 55.98 -32.62 -17.46
CA THR E 170 56.87 -31.61 -18.10
C THR E 170 56.08 -30.51 -18.80
N ASN E 171 54.75 -30.59 -18.81
CA ASN E 171 53.90 -29.70 -19.64
C ASN E 171 54.07 -28.29 -19.10
N PRO E 172 54.45 -27.32 -19.96
CA PRO E 172 54.70 -25.95 -19.50
C PRO E 172 53.50 -25.29 -18.79
N ILE E 173 52.27 -25.58 -19.21
CA ILE E 173 51.05 -25.02 -18.54
C ILE E 173 50.88 -25.62 -17.12
N ARG E 174 51.01 -26.95 -16.98
CA ARG E 174 51.09 -27.64 -15.66
C ARG E 174 52.19 -27.06 -14.75
N LEU E 175 53.42 -26.88 -15.26
CA LEU E 175 54.60 -26.36 -14.48
C LEU E 175 54.33 -24.91 -14.03
N GLY E 176 53.74 -24.08 -14.89
CA GLY E 176 53.42 -22.68 -14.56
C GLY E 176 52.34 -22.61 -13.53
N LEU E 177 51.33 -23.46 -13.63
CA LEU E 177 50.23 -23.56 -12.62
C LEU E 177 50.86 -23.88 -11.25
N ALA E 178 51.75 -24.87 -11.21
CA ALA E 178 52.46 -25.31 -9.99
C ALA E 178 53.23 -24.14 -9.41
N LEU E 179 54.06 -23.48 -10.20
CA LEU E 179 54.85 -22.28 -9.80
C LEU E 179 53.92 -21.28 -9.10
N ASN E 180 52.89 -20.82 -9.82
CA ASN E 180 51.94 -19.79 -9.34
C ASN E 180 51.22 -20.29 -8.06
N PHE E 181 50.86 -21.59 -8.02
CA PHE E 181 50.09 -22.18 -6.88
C PHE E 181 50.98 -22.20 -5.64
N SER E 182 52.24 -22.59 -5.82
CA SER E 182 53.26 -22.62 -4.76
C SER E 182 53.50 -21.18 -4.23
N VAL E 183 53.56 -20.20 -5.09
CA VAL E 183 53.79 -18.80 -4.64
C VAL E 183 52.58 -18.32 -3.86
N PHE E 184 51.36 -18.74 -4.24
CA PHE E 184 50.12 -18.41 -3.50
C PHE E 184 50.22 -18.98 -2.07
N HIS E 185 50.54 -20.26 -1.94
CA HIS E 185 50.79 -20.92 -0.65
C HIS E 185 51.73 -20.08 0.22
N TYR E 186 52.85 -19.60 -0.32
CA TYR E 186 53.91 -18.97 0.49
C TYR E 186 53.54 -17.50 0.77
N GLU E 187 53.21 -16.74 -0.26
CA GLU E 187 53.07 -15.27 -0.15
C GLU E 187 51.67 -14.89 0.36
N ILE E 188 50.63 -15.71 0.16
CA ILE E 188 49.19 -15.35 0.43
C ILE E 188 48.63 -16.18 1.59
N ALA E 189 48.65 -17.52 1.44
CA ALA E 189 47.92 -18.50 2.30
C ALA E 189 48.77 -18.84 3.53
N ASN E 190 50.01 -18.33 3.60
CA ASN E 190 50.84 -18.46 4.83
C ASN E 190 51.03 -19.95 5.14
N SER E 191 51.36 -20.74 4.11
CA SER E 191 51.64 -22.19 4.19
C SER E 191 52.97 -22.50 3.48
N PRO E 192 54.14 -22.07 4.04
CA PRO E 192 55.45 -22.43 3.51
C PRO E 192 55.58 -23.94 3.28
N GLU E 193 55.00 -24.78 4.14
CA GLU E 193 55.14 -26.26 4.05
C GLU E 193 54.57 -26.74 2.73
N GLU E 194 53.33 -26.34 2.40
CA GLU E 194 52.63 -26.77 1.15
C GLU E 194 53.37 -26.18 -0.05
N ALA E 195 53.91 -24.95 0.04
CA ALA E 195 54.62 -24.20 -1.03
C ALA E 195 55.86 -25.00 -1.43
N ILE E 196 56.68 -25.36 -0.45
CA ILE E 196 57.98 -26.03 -0.68
C ILE E 196 57.69 -27.42 -1.25
N SER E 197 56.73 -28.12 -0.66
CA SER E 197 56.34 -29.50 -1.03
C SER E 197 55.90 -29.56 -2.51
N LEU E 198 55.06 -28.63 -2.96
CA LEU E 198 54.50 -28.58 -4.33
C LEU E 198 55.63 -28.31 -5.32
N ALA E 199 56.44 -27.27 -5.07
CA ALA E 199 57.54 -26.81 -5.97
C ALA E 199 58.52 -27.97 -6.16
N LYS E 200 58.81 -28.71 -5.08
CA LYS E 200 59.79 -29.83 -5.06
C LYS E 200 59.23 -31.02 -5.87
N THR E 201 58.02 -31.50 -5.57
CA THR E 201 57.43 -32.68 -6.27
C THR E 201 57.18 -32.30 -7.75
N THR E 202 56.91 -31.02 -8.03
CA THR E 202 56.69 -30.53 -9.41
C THR E 202 58.01 -30.62 -10.17
N PHE E 203 59.08 -30.00 -9.63
CA PHE E 203 60.46 -30.00 -10.18
C PHE E 203 60.97 -31.44 -10.37
N ASP E 204 60.85 -32.33 -9.39
CA ASP E 204 61.49 -33.68 -9.43
C ASP E 204 60.76 -34.58 -10.42
N GLU E 205 59.44 -34.42 -10.57
CA GLU E 205 58.63 -35.27 -11.49
C GLU E 205 58.89 -34.82 -12.94
N ALA E 206 59.18 -33.52 -13.14
CA ALA E 206 59.55 -32.91 -14.44
C ALA E 206 60.97 -33.34 -14.86
N MET E 207 61.89 -33.30 -13.90
CA MET E 207 63.32 -33.66 -14.06
C MET E 207 63.44 -35.13 -14.52
N ALA E 208 62.62 -36.03 -13.96
CA ALA E 208 62.60 -37.48 -14.31
C ALA E 208 62.24 -37.72 -15.78
N ASP E 209 61.51 -36.79 -16.41
CA ASP E 209 60.96 -37.00 -17.78
C ASP E 209 61.63 -36.08 -18.82
N LEU E 210 62.73 -35.38 -18.51
CA LEU E 210 63.30 -34.41 -19.48
C LEU E 210 63.83 -35.15 -20.72
N HIS E 211 64.28 -36.41 -20.55
CA HIS E 211 64.86 -37.26 -21.65
C HIS E 211 63.81 -37.55 -22.75
N THR E 212 62.51 -37.39 -22.45
CA THR E 212 61.39 -37.64 -23.40
C THR E 212 61.23 -36.45 -24.38
N LEU E 213 61.80 -35.28 -24.07
CA LEU E 213 61.46 -33.95 -24.69
C LEU E 213 62.24 -33.72 -26.01
N SER E 214 61.56 -33.18 -27.02
CA SER E 214 62.18 -32.47 -28.17
C SER E 214 62.87 -31.16 -27.69
N GLU E 215 63.83 -30.64 -28.47
CA GLU E 215 64.54 -29.34 -28.27
C GLU E 215 63.63 -28.21 -27.72
N ASP E 216 62.54 -27.88 -28.40
CA ASP E 216 61.67 -26.70 -28.07
C ASP E 216 60.93 -26.91 -26.73
N SER E 217 60.73 -28.16 -26.30
CA SER E 217 59.93 -28.52 -25.11
C SER E 217 60.86 -28.58 -23.90
N TYR E 218 62.05 -29.16 -24.08
CA TYR E 218 63.17 -29.11 -23.13
C TYR E 218 63.39 -27.66 -22.74
N LYS E 219 63.39 -26.76 -23.72
CA LYS E 219 63.64 -25.31 -23.51
C LYS E 219 62.57 -24.72 -22.59
N ASP E 220 61.27 -24.87 -22.92
CA ASP E 220 60.13 -24.27 -22.17
C ASP E 220 60.08 -24.87 -20.77
N SER E 221 60.08 -26.19 -20.68
CA SER E 221 60.08 -26.95 -19.40
C SER E 221 61.21 -26.45 -18.48
N THR E 222 62.43 -26.25 -19.01
CA THR E 222 63.64 -25.99 -18.17
C THR E 222 63.63 -24.56 -17.63
N LEU E 223 63.13 -23.57 -18.38
CA LEU E 223 62.86 -22.17 -17.91
C LEU E 223 62.03 -22.22 -16.63
N ILE E 224 60.87 -22.90 -16.70
CA ILE E 224 59.85 -22.86 -15.61
C ILE E 224 60.40 -23.68 -14.43
N MET E 225 61.12 -24.74 -14.72
CA MET E 225 61.80 -25.56 -13.70
C MET E 225 62.89 -24.74 -12.97
N GLN E 226 63.56 -23.81 -13.63
CA GLN E 226 64.60 -22.96 -12.98
C GLN E 226 63.89 -21.96 -12.04
N LEU E 227 62.74 -21.39 -12.41
CA LEU E 227 61.91 -20.54 -11.50
C LEU E 227 61.47 -21.32 -10.24
N LEU E 228 61.10 -22.61 -10.38
CA LEU E 228 60.77 -23.52 -9.25
C LEU E 228 62.01 -23.67 -8.35
N ARG E 229 63.18 -23.90 -8.95
CA ARG E 229 64.47 -24.11 -8.22
C ARG E 229 64.86 -22.83 -7.50
N ASP E 230 64.73 -21.65 -8.14
CA ASP E 230 65.06 -20.30 -7.59
C ASP E 230 64.27 -20.09 -6.30
N ASN E 231 62.96 -20.39 -6.35
CA ASN E 231 62.02 -20.29 -5.20
C ASN E 231 62.50 -21.25 -4.10
N LEU E 232 62.75 -22.52 -4.43
CA LEU E 232 63.16 -23.55 -3.42
C LEU E 232 64.43 -23.08 -2.71
N THR E 233 65.31 -22.31 -3.37
CA THR E 233 66.60 -21.78 -2.81
C THR E 233 66.32 -20.52 -1.94
N LEU E 234 65.28 -19.74 -2.22
CA LEU E 234 64.85 -18.57 -1.37
C LEU E 234 64.18 -19.09 -0.10
N TRP E 235 63.45 -20.20 -0.18
CA TRP E 235 62.63 -20.80 0.91
C TRP E 235 63.44 -21.85 1.70
N THR E 236 64.44 -22.43 1.04
CA THR E 236 65.26 -23.54 1.60
C THR E 236 64.34 -24.48 2.37
N GLY F 1 -51.87 24.03 12.15
CA GLY F 1 -51.44 22.64 11.83
C GLY F 1 -50.93 21.95 13.07
N ALA F 2 -49.99 21.04 12.90
CA ALA F 2 -49.61 20.02 13.92
C ALA F 2 -48.97 20.65 15.16
N MET F 3 -48.43 21.88 15.11
CA MET F 3 -47.63 22.48 16.21
C MET F 3 -48.47 23.53 16.98
N GLY F 4 -49.73 23.68 16.58
CA GLY F 4 -50.62 24.71 17.13
C GLY F 4 -50.85 24.55 18.62
N SER F 5 -50.76 23.34 19.20
CA SER F 5 -51.00 23.10 20.66
C SER F 5 -49.73 23.28 21.49
N MET F 6 -48.56 23.46 20.86
CA MET F 6 -47.25 23.61 21.56
C MET F 6 -46.86 25.07 21.85
N GLU F 7 -46.28 25.33 23.02
CA GLU F 7 -45.72 26.65 23.44
C GLU F 7 -44.57 27.07 22.49
N ARG F 8 -44.50 28.36 22.17
CA ARG F 8 -43.46 28.91 21.28
C ARG F 8 -42.07 28.52 21.83
N ALA F 9 -41.80 28.75 23.11
CA ALA F 9 -40.48 28.49 23.72
C ALA F 9 -40.16 26.99 23.60
N SER F 10 -41.15 26.11 23.75
CA SER F 10 -41.02 24.64 23.58
C SER F 10 -40.66 24.30 22.12
N LEU F 11 -41.20 25.03 21.13
CA LEU F 11 -40.90 24.74 19.69
C LEU F 11 -39.45 25.12 19.33
N ILE F 12 -39.00 26.31 19.70
CA ILE F 12 -37.58 26.74 19.63
C ILE F 12 -36.70 25.65 20.27
N GLN F 13 -36.99 25.25 21.51
CA GLN F 13 -36.15 24.33 22.28
C GLN F 13 -36.00 23.01 21.51
N LYS F 14 -37.08 22.50 20.92
CA LYS F 14 -37.10 21.20 20.24
C LYS F 14 -36.41 21.33 18.88
N ALA F 15 -36.44 22.53 18.27
CA ALA F 15 -35.73 22.80 17.01
C ALA F 15 -34.24 22.64 17.30
N LYS F 16 -33.76 23.17 18.41
CA LYS F 16 -32.33 23.01 18.81
C LYS F 16 -31.96 21.53 19.08
N LEU F 17 -32.76 20.81 19.85
CA LEU F 17 -32.63 19.34 20.05
C LEU F 17 -32.59 18.63 18.68
N ALA F 18 -33.52 18.98 17.78
CA ALA F 18 -33.60 18.36 16.46
C ALA F 18 -32.25 18.54 15.72
N GLU F 19 -31.69 19.76 15.72
CA GLU F 19 -30.40 20.13 15.08
C GLU F 19 -29.29 19.27 15.67
N GLN F 20 -29.19 19.17 16.98
CA GLN F 20 -28.16 18.35 17.66
C GLN F 20 -28.23 16.89 17.20
N ALA F 21 -29.39 16.39 16.80
CA ALA F 21 -29.60 14.99 16.40
C ALA F 21 -29.57 14.92 14.88
N GLU F 22 -29.44 16.07 14.21
CA GLU F 22 -29.31 16.21 12.75
C GLU F 22 -30.61 15.74 12.08
N ARG F 23 -31.75 16.09 12.66
CA ARG F 23 -33.10 15.78 12.13
C ARG F 23 -33.72 17.08 11.59
N TYR F 24 -33.31 17.47 10.39
CA TYR F 24 -33.54 18.79 9.74
C TYR F 24 -35.01 18.94 9.32
N GLU F 25 -35.68 17.83 9.02
CA GLU F 25 -37.13 17.89 8.72
C GLU F 25 -37.87 18.33 9.99
N ASP F 26 -37.59 17.68 11.11
CA ASP F 26 -38.25 18.01 12.40
C ASP F 26 -37.88 19.44 12.76
N MET F 27 -36.60 19.79 12.66
CA MET F 27 -36.09 21.15 12.98
C MET F 27 -36.90 22.23 12.24
N ALA F 28 -37.19 21.98 10.97
CA ALA F 28 -37.90 22.92 10.08
C ALA F 28 -39.35 22.98 10.53
N ALA F 29 -39.96 21.82 10.77
CA ALA F 29 -41.37 21.70 11.21
C ALA F 29 -41.55 22.47 12.52
N PHE F 30 -40.60 22.34 13.45
CA PHE F 30 -40.69 23.03 14.75
C PHE F 30 -40.61 24.54 14.53
N MET F 31 -39.66 25.01 13.73
CA MET F 31 -39.48 26.47 13.45
C MET F 31 -40.69 27.01 12.70
N LYS F 32 -41.26 26.25 11.76
CA LYS F 32 -42.48 26.69 11.07
C LYS F 32 -43.58 26.92 12.12
N GLY F 33 -43.77 25.98 13.04
CA GLY F 33 -44.69 26.18 14.17
C GLY F 33 -44.43 27.47 14.95
N ALA F 34 -43.18 27.80 15.22
CA ALA F 34 -42.77 28.96 16.04
C ALA F 34 -43.16 30.26 15.30
N VAL F 35 -42.82 30.34 14.01
CA VAL F 35 -43.16 31.47 13.09
C VAL F 35 -44.69 31.63 13.12
N GLU F 36 -45.43 30.52 13.07
CA GLU F 36 -46.92 30.55 13.04
C GLU F 36 -47.52 31.13 14.35
N LYS F 37 -46.77 31.27 15.43
CA LYS F 37 -47.29 31.93 16.65
C LYS F 37 -47.43 33.44 16.40
N GLY F 38 -46.82 33.99 15.32
CA GLY F 38 -47.07 35.36 14.84
C GLY F 38 -46.17 36.39 15.45
N GLU F 39 -45.17 36.04 16.26
CA GLU F 39 -44.15 36.99 16.81
C GLU F 39 -42.88 37.05 15.95
N GLU F 40 -42.21 38.21 15.90
CA GLU F 40 -40.90 38.41 15.25
C GLU F 40 -39.92 37.36 15.79
N LEU F 41 -39.07 36.87 14.91
CA LEU F 41 -37.98 35.96 15.27
C LEU F 41 -36.77 36.83 15.59
N SER F 42 -35.90 36.36 16.46
CA SER F 42 -34.65 37.09 16.79
C SER F 42 -33.56 36.73 15.77
N CSO F 43 -32.38 37.30 15.91
CA CSO F 43 -31.30 36.93 14.97
CB CSO F 43 -30.08 37.77 15.24
SG CSO F 43 -28.58 37.27 14.37
C CSO F 43 -31.01 35.44 15.11
O CSO F 43 -30.79 34.78 14.11
OD CSO F 43 -27.56 36.42 15.33
N GLU F 44 -31.06 34.91 16.33
CA GLU F 44 -30.77 33.52 16.56
C GLU F 44 -31.86 32.66 15.92
N GLU F 45 -33.14 33.00 16.15
CA GLU F 45 -34.30 32.21 15.66
C GLU F 45 -34.32 32.23 14.13
N ARG F 46 -34.12 33.41 13.57
CA ARG F 46 -33.96 33.65 12.12
C ARG F 46 -32.98 32.61 11.54
N ASN F 47 -31.82 32.49 12.16
CA ASN F 47 -30.72 31.60 11.71
C ASN F 47 -31.16 30.13 11.82
N LEU F 48 -31.87 29.77 12.90
CA LEU F 48 -32.33 28.39 13.10
C LEU F 48 -33.31 28.04 11.95
N LEU F 49 -34.26 28.90 11.59
CA LEU F 49 -35.25 28.60 10.51
C LEU F 49 -34.51 28.42 9.16
N SER F 50 -33.55 29.28 8.92
CA SER F 50 -32.72 29.30 7.70
C SER F 50 -31.91 27.99 7.59
N VAL F 51 -31.17 27.63 8.63
CA VAL F 51 -30.31 26.41 8.69
C VAL F 51 -31.16 25.14 8.49
N ALA F 52 -32.36 25.13 9.08
CA ALA F 52 -33.28 23.99 9.05
C ALA F 52 -33.70 23.73 7.59
N TYR F 53 -34.31 24.70 6.91
CA TYR F 53 -34.85 24.52 5.55
C TYR F 53 -33.68 24.44 4.53
N LYS F 54 -32.55 25.07 4.78
CA LYS F 54 -31.35 24.98 3.91
C LYS F 54 -30.87 23.52 3.84
N ASN F 55 -30.86 22.81 4.97
CA ASN F 55 -30.48 21.37 5.01
C ASN F 55 -31.55 20.51 4.31
N VAL F 56 -32.84 20.82 4.44
CA VAL F 56 -33.90 19.97 3.81
C VAL F 56 -33.81 20.12 2.30
N VAL F 57 -33.83 21.34 1.78
CA VAL F 57 -33.78 21.54 0.31
C VAL F 57 -32.42 21.11 -0.22
N GLY F 58 -31.36 21.31 0.55
CA GLY F 58 -30.01 20.92 0.13
C GLY F 58 -29.91 19.44 -0.17
N GLY F 59 -30.56 18.60 0.64
CA GLY F 59 -30.49 17.16 0.40
C GLY F 59 -31.30 16.78 -0.81
N GLN F 60 -32.44 17.43 -1.00
CA GLN F 60 -33.33 17.16 -2.15
C GLN F 60 -32.70 17.68 -3.44
N ARG F 61 -32.08 18.85 -3.40
CA ARG F 61 -31.40 19.40 -4.61
C ARG F 61 -30.37 18.38 -5.06
N ALA F 62 -29.54 17.94 -4.13
CA ALA F 62 -28.45 16.98 -4.41
C ALA F 62 -29.01 15.66 -4.95
N ALA F 63 -30.18 15.22 -4.50
CA ALA F 63 -30.74 13.94 -4.99
C ALA F 63 -31.31 14.15 -6.39
N TRP F 64 -31.87 15.33 -6.64
CA TRP F 64 -32.42 15.65 -7.97
C TRP F 64 -31.27 15.70 -8.97
N ARG F 65 -30.16 16.28 -8.56
CA ARG F 65 -28.97 16.42 -9.42
C ARG F 65 -28.44 15.04 -9.81
N VAL F 66 -28.49 14.09 -8.88
CA VAL F 66 -28.02 12.70 -9.15
C VAL F 66 -28.95 12.01 -10.13
N LEU F 67 -30.25 12.20 -9.99
CA LEU F 67 -31.24 11.54 -10.84
C LEU F 67 -31.25 12.20 -12.24
N SER F 68 -31.25 13.54 -12.26
CA SER F 68 -31.22 14.37 -13.49
C SER F 68 -29.98 14.01 -14.33
N SER F 69 -28.85 13.71 -13.70
CA SER F 69 -27.58 13.27 -14.31
C SER F 69 -27.72 11.83 -14.82
N ILE F 70 -28.30 10.93 -14.03
CA ILE F 70 -28.44 9.51 -14.49
C ILE F 70 -29.46 9.48 -15.63
N GLU F 71 -30.41 10.41 -15.67
CA GLU F 71 -31.47 10.53 -16.70
C GLU F 71 -30.84 10.92 -18.04
N GLN F 72 -29.90 11.86 -18.06
CA GLN F 72 -29.22 12.32 -19.29
C GLN F 72 -28.39 11.19 -19.90
N LYS F 73 -27.69 10.38 -19.09
CA LYS F 73 -26.93 9.17 -19.55
C LYS F 73 -27.86 8.14 -20.21
N SER F 74 -29.18 8.23 -19.97
CA SER F 74 -30.23 7.73 -20.89
C SER F 74 -30.35 8.66 -22.11
N ASN F 75 -29.28 8.75 -22.92
CA ASN F 75 -29.20 9.34 -24.28
C ASN F 75 -28.89 8.23 -25.32
N GLU F 76 -28.84 6.95 -24.94
CA GLU F 76 -28.41 5.84 -25.85
N LYS F 82 -33.81 3.42 -21.84
CA LYS F 82 -34.84 2.40 -22.16
C LYS F 82 -35.68 2.11 -20.91
N GLY F 83 -36.65 2.97 -20.64
CA GLY F 83 -37.57 2.79 -19.50
C GLY F 83 -37.93 4.13 -18.88
N PRO F 84 -39.18 4.35 -18.47
CA PRO F 84 -39.58 5.61 -17.86
C PRO F 84 -39.27 5.77 -16.37
N GLU F 85 -38.70 4.75 -15.74
CA GLU F 85 -38.44 4.72 -14.28
C GLU F 85 -37.59 5.90 -13.77
N VAL F 86 -36.45 6.17 -14.38
CA VAL F 86 -35.54 7.27 -13.95
C VAL F 86 -36.30 8.61 -13.96
N ARG F 87 -36.98 8.88 -15.07
CA ARG F 87 -37.77 10.14 -15.25
C ARG F 87 -38.83 10.19 -14.14
N GLU F 88 -39.55 9.07 -13.90
CA GLU F 88 -40.66 9.07 -12.91
C GLU F 88 -40.13 9.44 -11.53
N TYR F 89 -38.96 8.89 -11.18
CA TYR F 89 -38.40 9.00 -9.81
C TYR F 89 -37.84 10.42 -9.68
N ARG F 90 -37.20 10.93 -10.70
CA ARG F 90 -36.74 12.33 -10.74
C ARG F 90 -37.94 13.26 -10.56
N GLU F 91 -39.08 13.00 -11.20
CA GLU F 91 -40.30 13.84 -11.06
C GLU F 91 -40.81 13.78 -9.60
N LYS F 92 -40.80 12.60 -8.99
CA LYS F 92 -41.24 12.39 -7.58
C LYS F 92 -40.39 13.28 -6.66
N VAL F 93 -39.08 13.18 -6.77
CA VAL F 93 -38.14 14.01 -5.94
C VAL F 93 -38.30 15.52 -6.29
N GLU F 94 -38.42 15.84 -7.57
CA GLU F 94 -38.68 17.23 -8.00
C GLU F 94 -39.87 17.83 -7.26
N THR F 95 -41.00 17.12 -7.28
CA THR F 95 -42.26 17.58 -6.65
C THR F 95 -42.04 17.79 -5.15
N GLU F 96 -41.29 16.93 -4.46
CA GLU F 96 -41.02 17.13 -3.00
C GLU F 96 -40.23 18.41 -2.77
N LEU F 97 -39.19 18.64 -3.58
CA LEU F 97 -38.33 19.86 -3.55
C LEU F 97 -39.22 21.12 -3.69
N GLN F 98 -40.09 21.09 -4.68
CA GLN F 98 -41.04 22.18 -5.00
C GLN F 98 -41.95 22.42 -3.81
N GLY F 99 -42.48 21.36 -3.22
CA GLY F 99 -43.34 21.45 -2.02
C GLY F 99 -42.65 22.16 -0.85
N VAL F 100 -41.37 21.87 -0.60
CA VAL F 100 -40.59 22.48 0.52
C VAL F 100 -40.38 23.98 0.20
N CYS F 101 -39.99 24.29 -1.05
CA CYS F 101 -39.77 25.70 -1.50
C CYS F 101 -41.06 26.51 -1.34
N ASP F 102 -42.20 25.92 -1.70
CA ASP F 102 -43.54 26.57 -1.60
C ASP F 102 -43.84 26.85 -0.13
N THR F 103 -43.45 25.95 0.78
CA THR F 103 -43.73 26.08 2.24
C THR F 103 -42.97 27.30 2.79
N VAL F 104 -41.74 27.45 2.33
CA VAL F 104 -40.82 28.50 2.84
C VAL F 104 -41.29 29.85 2.30
N LEU F 105 -41.62 29.93 1.01
CA LEU F 105 -42.19 31.16 0.36
C LEU F 105 -43.55 31.52 1.00
N GLY F 106 -44.36 30.53 1.32
CA GLY F 106 -45.62 30.66 2.08
C GLY F 106 -45.36 31.34 3.41
N LEU F 107 -44.34 30.92 4.14
CA LEU F 107 -44.00 31.50 5.46
C LEU F 107 -43.48 32.92 5.28
N LEU F 108 -42.62 33.16 4.31
CA LEU F 108 -42.00 34.50 4.12
C LEU F 108 -43.11 35.48 3.77
N ASP F 109 -44.02 35.12 2.85
CA ASP F 109 -45.10 36.04 2.36
C ASP F 109 -46.19 36.20 3.43
N SER F 110 -46.57 35.12 4.12
CA SER F 110 -47.63 35.07 5.19
C SER F 110 -47.22 35.77 6.48
N HIS F 111 -46.01 35.55 6.99
CA HIS F 111 -45.61 35.83 8.39
C HIS F 111 -44.38 36.75 8.52
N LEU F 112 -43.35 36.59 7.68
CA LEU F 112 -41.98 37.12 7.98
C LEU F 112 -41.65 38.43 7.24
N ILE F 113 -42.12 38.63 6.00
CA ILE F 113 -41.83 39.84 5.20
C ILE F 113 -42.79 40.95 5.62
N LYS F 114 -42.24 42.10 6.04
CA LYS F 114 -42.97 43.24 6.65
C LYS F 114 -42.32 44.54 6.15
N GLU F 115 -43.03 45.68 6.23
CA GLU F 115 -42.41 47.04 6.07
C GLU F 115 -41.67 47.39 7.37
N ALA F 116 -42.19 46.94 8.53
CA ALA F 116 -41.61 47.11 9.88
C ALA F 116 -40.34 46.23 10.09
N GLY F 117 -39.58 46.51 11.16
CA GLY F 117 -38.38 45.78 11.65
C GLY F 117 -37.11 46.45 11.17
N ASP F 118 -35.95 46.08 11.73
CA ASP F 118 -34.65 46.70 11.33
C ASP F 118 -34.34 46.30 9.88
N ALA F 119 -33.40 47.00 9.26
CA ALA F 119 -32.91 46.76 7.87
C ALA F 119 -32.40 45.32 7.71
N GLU F 120 -31.64 44.83 8.70
CA GLU F 120 -31.00 43.49 8.69
C GLU F 120 -32.07 42.40 8.51
N SER F 121 -33.15 42.47 9.28
CA SER F 121 -34.23 41.45 9.28
C SER F 121 -35.00 41.53 7.94
N ARG F 122 -35.27 42.72 7.45
CA ARG F 122 -36.01 42.90 6.19
C ARG F 122 -35.16 42.40 5.01
N VAL F 123 -33.85 42.64 5.00
CA VAL F 123 -32.95 42.15 3.91
C VAL F 123 -32.85 40.62 4.03
N PHE F 124 -32.74 40.08 5.24
CA PHE F 124 -32.55 38.63 5.48
C PHE F 124 -33.70 37.88 4.80
N TYR F 125 -34.91 38.35 5.01
CA TYR F 125 -36.13 37.68 4.56
C TYR F 125 -36.30 37.86 3.04
N LEU F 126 -36.02 39.06 2.53
CA LEU F 126 -36.14 39.30 1.07
C LEU F 126 -35.10 38.46 0.29
N LYS F 127 -33.88 38.31 0.83
CA LYS F 127 -32.81 37.48 0.22
C LYS F 127 -33.22 36.01 0.19
N MET F 128 -33.78 35.51 1.31
CA MET F 128 -34.27 34.10 1.44
C MET F 128 -35.35 33.87 0.37
N LYS F 129 -36.29 34.80 0.21
CA LYS F 129 -37.29 34.71 -0.90
C LYS F 129 -36.58 34.52 -2.26
N GLY F 130 -35.55 35.31 -2.57
CA GLY F 130 -34.72 35.18 -3.78
C GLY F 130 -34.07 33.81 -3.89
N ASP F 131 -33.49 33.33 -2.80
CA ASP F 131 -32.81 32.02 -2.74
C ASP F 131 -33.78 30.88 -3.10
N TYR F 132 -34.98 30.90 -2.55
CA TYR F 132 -35.96 29.79 -2.67
C TYR F 132 -36.62 29.86 -4.04
N TYR F 133 -36.72 31.05 -4.64
CA TYR F 133 -37.18 31.18 -6.05
C TYR F 133 -36.06 30.67 -6.96
N ARG F 134 -34.82 30.96 -6.59
N ARG F 134 -34.82 30.97 -6.59
CA ARG F 134 -33.65 30.49 -7.37
CA ARG F 134 -33.60 30.51 -7.31
C ARG F 134 -33.71 28.96 -7.41
C ARG F 134 -33.62 28.98 -7.38
N TYR F 135 -33.98 28.33 -6.27
CA TYR F 135 -34.02 26.84 -6.14
C TYR F 135 -35.13 26.31 -7.08
N LEU F 136 -36.34 26.91 -7.06
CA LEU F 136 -37.47 26.52 -7.93
C LEU F 136 -37.11 26.70 -9.40
N ALA F 137 -36.39 27.78 -9.74
CA ALA F 137 -35.90 28.08 -11.11
C ALA F 137 -34.98 26.97 -11.63
N GLU F 138 -34.08 26.42 -10.82
CA GLU F 138 -33.15 25.32 -11.21
C GLU F 138 -33.88 24.13 -11.87
N VAL F 139 -35.09 23.78 -11.43
CA VAL F 139 -35.83 22.56 -11.88
C VAL F 139 -36.99 22.91 -12.82
N ALA F 140 -37.23 24.20 -13.08
CA ALA F 140 -38.42 24.71 -13.82
C ALA F 140 -38.11 24.83 -15.31
N THR F 141 -39.14 24.89 -16.17
CA THR F 141 -39.01 25.05 -17.65
C THR F 141 -40.02 26.07 -18.23
N GLY F 142 -39.75 26.57 -19.43
CA GLY F 142 -40.62 27.46 -20.23
C GLY F 142 -41.17 28.63 -19.43
N ASP F 143 -42.50 28.83 -19.48
CA ASP F 143 -43.22 30.03 -18.98
C ASP F 143 -43.16 30.07 -17.45
N ASP F 144 -43.31 28.94 -16.78
CA ASP F 144 -43.21 28.87 -15.31
C ASP F 144 -41.80 29.37 -14.93
N LYS F 145 -40.77 28.94 -15.68
CA LYS F 145 -39.38 29.29 -15.33
C LYS F 145 -39.19 30.81 -15.46
N LYS F 146 -39.82 31.46 -16.45
CA LYS F 146 -39.64 32.93 -16.66
C LYS F 146 -40.25 33.67 -15.46
N ARG F 147 -41.44 33.28 -14.98
CA ARG F 147 -42.17 33.94 -13.87
C ARG F 147 -41.30 33.88 -12.62
N ILE F 148 -40.65 32.72 -12.42
CA ILE F 148 -39.87 32.37 -11.20
C ILE F 148 -38.56 33.16 -11.20
N ILE F 149 -37.90 33.28 -12.36
CA ILE F 149 -36.65 34.08 -12.46
C ILE F 149 -36.98 35.55 -12.25
N ASP F 150 -38.13 36.03 -12.75
CA ASP F 150 -38.63 37.43 -12.51
C ASP F 150 -38.88 37.62 -11.01
N SER F 151 -39.50 36.65 -10.37
CA SER F 151 -39.84 36.73 -8.93
C SER F 151 -38.54 36.81 -8.09
N ALA F 152 -37.50 36.09 -8.51
CA ALA F 152 -36.23 36.03 -7.77
C ALA F 152 -35.55 37.40 -7.88
N ARG F 153 -35.34 37.89 -9.10
CA ARG F 153 -34.64 39.15 -9.37
C ARG F 153 -35.31 40.21 -8.49
N SER F 154 -36.62 40.19 -8.47
CA SER F 154 -37.49 41.22 -7.88
C SER F 154 -37.26 41.26 -6.38
N ALA F 155 -37.25 40.09 -5.74
CA ALA F 155 -36.93 39.93 -4.29
C ALA F 155 -35.50 40.35 -4.03
N TYR F 156 -34.53 39.82 -4.76
CA TYR F 156 -33.10 40.21 -4.61
C TYR F 156 -32.97 41.73 -4.70
N GLN F 157 -33.63 42.34 -5.71
CA GLN F 157 -33.54 43.79 -6.00
C GLN F 157 -34.12 44.61 -4.85
N GLU F 158 -35.24 44.20 -4.29
CA GLU F 158 -35.86 44.87 -3.13
C GLU F 158 -34.84 44.89 -1.99
N ALA F 159 -34.27 43.72 -1.68
CA ALA F 159 -33.23 43.56 -0.63
C ALA F 159 -32.04 44.50 -0.91
N MET F 160 -31.63 44.61 -2.18
CA MET F 160 -30.47 45.45 -2.58
C MET F 160 -30.77 46.94 -2.31
N ASP F 161 -31.96 47.41 -2.69
CA ASP F 161 -32.41 48.80 -2.43
C ASP F 161 -32.38 49.08 -0.92
N ILE F 162 -32.82 48.17 -0.06
CA ILE F 162 -32.84 48.39 1.42
C ILE F 162 -31.40 48.45 1.95
N SER F 163 -30.52 47.55 1.49
CA SER F 163 -29.14 47.43 2.04
C SER F 163 -28.29 48.63 1.56
N LYS F 164 -28.49 49.09 0.32
CA LYS F 164 -27.83 50.32 -0.23
C LYS F 164 -28.26 51.55 0.59
N LYS F 165 -29.46 51.58 1.16
CA LYS F 165 -29.91 52.81 1.85
C LYS F 165 -29.66 52.81 3.36
N GLU F 166 -29.58 51.65 3.99
CA GLU F 166 -29.60 51.57 5.49
C GLU F 166 -28.43 50.77 6.07
N MET F 167 -27.54 50.20 5.27
CA MET F 167 -26.32 49.51 5.75
C MET F 167 -25.08 50.15 5.13
N PRO F 168 -23.95 50.19 5.88
CA PRO F 168 -22.69 50.68 5.31
C PRO F 168 -22.13 49.73 4.24
N PRO F 169 -21.27 50.23 3.31
CA PRO F 169 -20.77 49.43 2.19
C PRO F 169 -20.02 48.13 2.58
N THR F 170 -19.41 48.13 3.79
CA THR F 170 -18.52 47.05 4.34
C THR F 170 -19.33 46.00 5.10
N ASN F 171 -20.63 46.23 5.28
CA ASN F 171 -21.50 45.34 6.10
C ASN F 171 -21.56 43.96 5.47
N PRO F 172 -21.26 42.89 6.24
CA PRO F 172 -21.34 41.51 5.74
C PRO F 172 -22.66 41.09 5.08
N ILE F 173 -23.81 41.54 5.60
CA ILE F 173 -25.14 41.13 5.09
C ILE F 173 -25.33 41.74 3.69
N ARG F 174 -24.98 43.02 3.55
CA ARG F 174 -25.02 43.73 2.26
C ARG F 174 -24.10 43.03 1.24
N LEU F 175 -22.88 42.68 1.65
CA LEU F 175 -21.86 42.03 0.78
C LEU F 175 -22.33 40.63 0.38
N GLY F 176 -22.93 39.87 1.30
CA GLY F 176 -23.39 38.49 1.01
C GLY F 176 -24.59 38.49 0.09
N LEU F 177 -25.46 39.50 0.22
CA LEU F 177 -26.62 39.69 -0.69
C LEU F 177 -26.10 39.99 -2.11
N ALA F 178 -25.14 40.90 -2.24
CA ALA F 178 -24.49 41.28 -3.51
C ALA F 178 -23.92 40.02 -4.15
N LEU F 179 -23.11 39.26 -3.41
CA LEU F 179 -22.47 38.02 -3.89
C LEU F 179 -23.54 37.09 -4.48
N ASN F 180 -24.54 36.72 -3.69
CA ASN F 180 -25.63 35.79 -4.09
C ASN F 180 -26.35 36.35 -5.34
N PHE F 181 -26.63 37.65 -5.36
CA PHE F 181 -27.45 38.29 -6.43
C PHE F 181 -26.63 38.23 -7.72
N SER F 182 -25.34 38.55 -7.64
CA SER F 182 -24.39 38.53 -8.78
C SER F 182 -24.28 37.10 -9.36
N VAL F 183 -24.25 36.07 -8.52
CA VAL F 183 -24.17 34.66 -8.95
C VAL F 183 -25.49 34.28 -9.63
N PHE F 184 -26.65 34.76 -9.14
CA PHE F 184 -27.99 34.52 -9.75
C PHE F 184 -27.95 35.07 -11.18
N HIS F 185 -27.52 36.33 -11.35
CA HIS F 185 -27.34 37.01 -12.67
C HIS F 185 -26.56 36.08 -13.60
N TYR F 186 -25.46 35.50 -13.16
CA TYR F 186 -24.52 34.75 -14.06
C TYR F 186 -25.06 33.34 -14.32
N GLU F 187 -25.42 32.61 -13.26
CA GLU F 187 -25.68 31.14 -13.32
C GLU F 187 -27.14 30.83 -13.66
N ILE F 188 -28.09 31.74 -13.41
CA ILE F 188 -29.57 31.52 -13.58
C ILE F 188 -30.13 32.40 -14.71
N ALA F 189 -29.94 33.72 -14.62
CA ALA F 189 -30.68 34.73 -15.40
C ALA F 189 -29.94 35.04 -16.70
N ASN F 190 -28.80 34.40 -16.95
CA ASN F 190 -27.97 34.61 -18.17
C ASN F 190 -27.75 36.12 -18.42
N SER F 191 -27.18 36.81 -17.43
N SER F 191 -27.20 36.83 -17.42
CA SER F 191 -26.83 38.26 -17.47
CA SER F 191 -26.81 38.26 -17.53
C SER F 191 -25.41 38.46 -16.97
C SER F 191 -25.40 38.48 -16.98
N PRO F 192 -24.36 38.04 -17.73
CA PRO F 192 -22.98 38.29 -17.34
C PRO F 192 -22.71 39.79 -17.09
N GLU F 193 -23.29 40.67 -17.92
CA GLU F 193 -23.08 42.14 -17.83
C GLU F 193 -23.51 42.63 -16.44
N GLU F 194 -24.70 42.23 -15.97
CA GLU F 194 -25.25 42.68 -14.68
C GLU F 194 -24.42 42.06 -13.54
N ALA F 195 -23.96 40.81 -13.70
CA ALA F 195 -23.16 40.05 -12.70
C ALA F 195 -21.82 40.77 -12.44
N ILE F 196 -21.11 41.15 -13.51
CA ILE F 196 -19.80 41.86 -13.48
C ILE F 196 -20.01 43.23 -12.84
N SER F 197 -21.01 44.00 -13.30
CA SER F 197 -21.31 45.39 -12.88
C SER F 197 -21.59 45.40 -11.37
N LEU F 198 -22.37 44.43 -10.87
CA LEU F 198 -22.76 44.35 -9.43
C LEU F 198 -21.50 44.11 -8.60
N ALA F 199 -20.78 43.03 -8.92
CA ALA F 199 -19.55 42.63 -8.20
C ALA F 199 -18.55 43.81 -8.17
N LYS F 200 -18.39 44.54 -9.26
CA LYS F 200 -17.42 45.67 -9.39
C LYS F 200 -17.86 46.85 -8.50
N THR F 201 -19.10 47.33 -8.64
CA THR F 201 -19.64 48.46 -7.83
C THR F 201 -19.67 48.06 -6.34
N THR F 202 -19.89 46.77 -6.03
CA THR F 202 -19.94 46.26 -4.64
C THR F 202 -18.54 46.39 -4.06
N PHE F 203 -17.55 45.82 -4.76
CA PHE F 203 -16.14 45.78 -4.31
C PHE F 203 -15.56 47.20 -4.19
N ASP F 204 -15.78 48.08 -5.18
CA ASP F 204 -15.24 49.46 -5.25
C ASP F 204 -15.77 50.33 -4.10
N GLU F 205 -17.06 50.20 -3.81
CA GLU F 205 -17.76 51.00 -2.77
C GLU F 205 -17.29 50.56 -1.38
N ALA F 206 -17.04 49.25 -1.20
CA ALA F 206 -16.56 48.60 0.05
C ALA F 206 -15.12 49.01 0.32
N MET F 207 -14.31 48.96 -0.74
CA MET F 207 -12.87 49.31 -0.77
C MET F 207 -12.68 50.77 -0.33
N ALA F 208 -13.52 51.70 -0.81
CA ALA F 208 -13.43 53.15 -0.53
C ALA F 208 -13.69 53.45 0.97
N ASP F 209 -14.40 52.58 1.69
CA ASP F 209 -14.71 52.73 3.15
C ASP F 209 -14.05 51.62 4.00
N LEU F 210 -12.98 50.96 3.50
CA LEU F 210 -12.42 49.76 4.18
C LEU F 210 -11.74 50.18 5.51
N HIS F 211 -11.20 51.39 5.56
CA HIS F 211 -10.58 52.04 6.75
C HIS F 211 -11.53 52.04 7.96
N THR F 212 -12.86 51.92 7.76
CA THR F 212 -13.89 51.96 8.84
C THR F 212 -14.10 50.59 9.49
N LEU F 213 -13.52 49.52 8.94
CA LEU F 213 -14.00 48.13 9.16
C LEU F 213 -13.60 47.64 10.57
N SER F 214 -14.57 47.15 11.35
CA SER F 214 -14.40 46.78 12.78
C SER F 214 -14.00 45.30 12.98
N GLU F 215 -13.38 45.02 14.14
CA GLU F 215 -12.94 43.68 14.61
C GLU F 215 -14.11 42.68 14.50
N ASP F 216 -15.24 43.03 15.14
CA ASP F 216 -16.49 42.23 15.25
C ASP F 216 -16.83 41.58 13.89
N SER F 217 -16.55 42.28 12.79
CA SER F 217 -16.87 41.80 11.42
C SER F 217 -15.84 42.34 10.43
N TYR F 218 -14.56 42.29 10.77
CA TYR F 218 -13.49 42.73 9.83
C TYR F 218 -12.78 41.46 9.36
N LYS F 219 -13.54 40.37 9.28
CA LYS F 219 -13.09 39.05 8.82
C LYS F 219 -14.04 38.60 7.70
N ASP F 220 -15.30 38.35 8.05
CA ASP F 220 -16.34 37.92 7.08
C ASP F 220 -16.33 38.90 5.91
N SER F 221 -16.45 40.19 6.22
CA SER F 221 -16.41 41.29 5.24
C SER F 221 -15.26 41.05 4.26
N THR F 222 -14.07 40.72 4.78
CA THR F 222 -12.88 40.53 3.90
C THR F 222 -13.06 39.28 3.02
N LEU F 223 -13.46 38.16 3.61
CA LEU F 223 -13.61 36.89 2.85
C LEU F 223 -14.48 37.11 1.61
N ILE F 224 -15.66 37.70 1.82
CA ILE F 224 -16.67 37.94 0.76
C ILE F 224 -16.08 38.92 -0.27
N MET F 225 -15.30 39.90 0.18
CA MET F 225 -14.66 40.92 -0.72
C MET F 225 -13.66 40.24 -1.68
N GLN F 226 -13.05 39.14 -1.26
CA GLN F 226 -12.11 38.33 -2.09
C GLN F 226 -12.93 37.60 -3.15
N LEU F 227 -14.08 37.02 -2.75
CA LEU F 227 -14.95 36.23 -3.68
C LEU F 227 -15.55 37.15 -4.75
N LEU F 228 -15.80 38.40 -4.40
CA LEU F 228 -16.31 39.39 -5.38
C LEU F 228 -15.27 39.48 -6.50
N ARG F 229 -14.01 39.74 -6.14
CA ARG F 229 -12.91 39.92 -7.12
C ARG F 229 -12.36 38.55 -7.56
N ASP F 230 -12.74 37.47 -6.87
CA ASP F 230 -12.30 36.12 -7.29
C ASP F 230 -13.06 35.79 -8.57
N ASN F 231 -14.32 36.21 -8.62
CA ASN F 231 -15.21 35.90 -9.76
C ASN F 231 -15.09 37.00 -10.82
N LEU F 232 -14.74 38.22 -10.41
CA LEU F 232 -14.63 39.33 -11.39
C LEU F 232 -13.62 38.99 -12.50
N THR F 233 -12.52 38.34 -12.11
CA THR F 233 -11.43 37.92 -13.01
C THR F 233 -11.86 36.65 -13.74
N LEU F 234 -12.85 35.94 -13.19
CA LEU F 234 -13.35 34.68 -13.80
C LEU F 234 -14.42 35.00 -14.83
N TRP F 235 -14.89 36.25 -14.81
CA TRP F 235 -15.93 36.72 -15.75
C TRP F 235 -15.30 37.83 -16.59
N THR F 236 -14.26 38.49 -16.06
CA THR F 236 -13.50 39.57 -16.73
C THR F 236 -14.43 40.72 -17.16
NA NA G . 32.27 12.49 0.38
C1 GOL H . 28.88 -5.45 -6.57
O1 GOL H . 29.60 -6.35 -7.40
C2 GOL H . 29.81 -4.61 -5.73
O2 GOL H . 29.08 -3.95 -4.71
C3 GOL H . 30.93 -5.41 -5.11
O3 GOL H . 32.05 -5.48 -5.99
O1 TWZ I . -23.28 -10.15 -5.02
C1 TWZ I . -22.42 -9.33 -5.05
C2 TWZ I . -20.97 -9.62 -5.55
N1 TWZ I . -19.97 -9.24 -4.59
C3 TWZ I . -19.27 -10.00 -3.75
C4 TWZ I . -18.47 -9.14 -3.05
C5 TWZ I . -17.47 -9.40 -1.95
C6 TWZ I . -16.56 -10.57 -2.23
O2 TWZ I . -16.18 -10.59 -3.61
P1 TWZ I . -14.66 -10.64 -4.00
O3 TWZ I . -14.33 -12.08 -4.00
O4 TWZ I . -14.47 -9.93 -5.28
O5 TWZ I . -13.81 -9.84 -2.92
C7 TWZ I . -12.97 -8.77 -3.23
C8 TWZ I . -13.47 -7.51 -3.12
C9 TWZ I . -12.67 -6.40 -3.38
C10 TWZ I . -11.35 -6.56 -3.74
O6 TWZ I . -10.62 -5.40 -4.03
P2 TWZ I . -9.45 -4.75 -3.21
O7 TWZ I . -8.26 -4.75 -4.08
O8 TWZ I . -9.17 -5.50 -1.97
O9 TWZ I . -9.83 -3.36 -2.88
C11 TWZ I . -10.86 -7.85 -3.86
C12 TWZ I . -11.66 -8.94 -3.59
C13 TWZ I . -10.83 -10.17 -3.83
C14 TWZ I . -9.96 -9.64 -4.99
C15 TWZ I . -9.51 -8.39 -4.21
C16 TWZ I . -8.98 -9.09 -2.97
C17 TWZ I . -7.92 -8.86 -2.13
C18 TWZ I . -7.67 -9.73 -1.09
C19 TWZ I . -8.49 -10.83 -0.89
C20 TWZ I . -9.55 -11.06 -1.73
C21 TWZ I . -9.78 -10.19 -2.77
C22 TWZ I . -7.97 -11.57 0.30
C23 TWZ I . -6.46 -11.29 0.13
C24 TWZ I . -6.65 -9.76 0.02
C25 TWZ I . -7.43 -9.54 1.28
C26 TWZ I . -7.47 -8.49 2.17
C27 TWZ I . -8.34 -8.58 3.24
C28 TWZ I . -9.16 -9.68 3.41
C29 TWZ I . -9.12 -10.74 2.51
C30 TWZ I . -8.25 -10.65 1.45
C31 TWZ I . -13.52 -5.20 -3.16
C32 TWZ I . -14.85 -5.77 -3.66
C33 TWZ I . -14.80 -6.99 -2.71
C34 TWZ I . -14.58 -6.26 -1.40
C35 TWZ I . -15.00 -6.52 -0.11
C36 TWZ I . -14.62 -5.66 0.89
C37 TWZ I . -13.81 -4.55 0.62
C38 TWZ I . -13.40 -4.31 -0.68
C39 TWZ I . -13.79 -5.17 -1.68
C40 TWZ I . -13.62 -3.82 1.92
C41 TWZ I . -15.00 -4.09 2.57
C42 TWZ I . -14.87 -5.62 2.38
C43 TWZ I . -13.56 -5.81 3.09
C44 TWZ I . -13.09 -6.81 3.91
C45 TWZ I . -11.82 -6.66 4.46
C46 TWZ I . -11.05 -5.55 4.18
C47 TWZ I . -11.53 -4.54 3.36
C48 TWZ I . -12.79 -4.69 2.83
N2 TWZ I . -18.73 -7.88 -3.49
N3 TWZ I . -19.64 -7.94 -4.44
O1 TWZ J . 6.63 -16.58 16.74
C1 TWZ J . 6.45 -15.41 16.78
C2 TWZ J . 5.17 -14.77 17.32
N1 TWZ J . 4.31 -14.15 16.32
C3 TWZ J . 3.47 -14.74 15.45
C4 TWZ J . 2.88 -13.71 14.77
C5 TWZ J . 1.87 -13.73 13.65
C6 TWZ J . 0.92 -14.92 13.62
O2 TWZ J . 0.44 -15.31 14.93
P1 TWZ J . -1.11 -15.38 15.26
O3 TWZ J . -1.61 -16.65 14.73
O4 TWZ J . -1.25 -15.14 16.71
O5 TWZ J . -1.77 -14.17 14.48
C7 TWZ J . -2.39 -13.09 15.12
C8 TWZ J . -1.65 -11.97 15.42
C9 TWZ J . -2.22 -10.89 16.05
C10 TWZ J . -3.56 -10.91 16.40
O6 TWZ J . -4.11 -9.79 17.05
P2 TWZ J . -5.13 -8.75 16.45
O7 TWZ J . -4.56 -7.42 16.75
O8 TWZ J . -6.45 -8.91 17.12
O9 TWZ J . -5.31 -8.92 15.00
C11 TWZ J . -4.30 -12.04 16.11
C12 TWZ J . -3.72 -13.12 15.47
C13 TWZ J . -4.77 -14.18 15.33
C14 TWZ J . -5.55 -13.91 16.64
C15 TWZ J . -5.73 -12.41 16.31
C16 TWZ J . -6.35 -12.57 14.93
C17 TWZ J . -7.31 -11.88 14.23
C18 TWZ J . -7.68 -12.31 12.98
C19 TWZ J . -7.08 -13.41 12.41
C20 TWZ J . -6.12 -14.11 13.09
C21 TWZ J . -5.76 -13.69 14.35
C22 TWZ J . -7.69 -13.59 11.05
C23 TWZ J . -9.13 -13.12 11.36
C24 TWZ J . -8.66 -11.78 11.96
C25 TWZ J . -7.84 -11.28 10.81
C26 TWZ J . -7.61 -10.02 10.32
C27 TWZ J . -6.75 -9.90 9.24
C28 TWZ J . -6.16 -10.99 8.67
C29 TWZ J . -6.38 -12.26 9.18
C30 TWZ J . -7.23 -12.39 10.25
C31 TWZ J . -1.14 -9.86 16.21
C32 TWZ J . 0.05 -10.82 16.45
C33 TWZ J . -0.22 -11.62 15.16
C34 TWZ J . -0.23 -10.47 14.17
C35 TWZ J . 0.20 -10.35 12.88
C36 TWZ J . 0.06 -9.14 12.25
C37 TWZ J . -0.50 -8.06 12.90
C38 TWZ J . -0.93 -8.18 14.20
C39 TWZ J . -0.78 -9.39 14.83
C40 TWZ J . -0.52 -6.91 11.93
C41 TWZ J . 0.80 -7.21 11.18
C42 TWZ J . 0.40 -8.67 10.86
C43 TWZ J . -0.93 -8.38 10.19
C44 TWZ J . -1.57 -8.96 9.13
C45 TWZ J . -2.81 -8.44 8.75
C46 TWZ J . -3.36 -7.37 9.41
C47 TWZ J . -2.70 -6.77 10.48
C48 TWZ J . -1.48 -7.29 10.85
N2 TWZ J . 3.39 -12.55 15.25
N3 TWZ J . 4.24 -12.82 16.21
NA NA K . -41.68 7.15 -8.62
NA NA L . 42.77 10.53 -4.50
NA NA M . -42.25 16.38 20.25
NA NA N . -43.18 33.54 16.17
C1 GOL O . -44.36 26.92 -9.44
O1 GOL O . -43.59 26.02 -10.22
C2 GOL O . -44.35 26.48 -8.00
O2 GOL O . -44.93 27.48 -7.15
C3 GOL O . -45.03 25.14 -7.82
O3 GOL O . -44.15 24.22 -7.20
#